data_1QB4
#
_entry.id   1QB4
#
_cell.length_a   117.750
_cell.length_b   248.410
_cell.length_c   83.470
_cell.angle_alpha   90.00
_cell.angle_beta   90.00
_cell.angle_gamma   90.00
#
_symmetry.space_group_name_H-M   'I 2 2 2'
#
loop_
_entity.id
_entity.type
_entity.pdbx_description
1 polymer 'PHOSPHOENOLPYRUVATE CARBOXYLASE'
2 non-polymer 'MANGANESE (II) ION'
3 non-polymer 'ASPARTIC ACID'
4 water water
#
_entity_poly.entity_id   1
_entity_poly.type   'polypeptide(L)'
_entity_poly.pdbx_seq_one_letter_code
;MNEQYSALRSNVSMLGKVLGETIKDALGEHILERVETIRKLSKSSRAGNDANRQELLTTLQNLSNDELLPVARAFSQFLN
LANTAEQYHSISPKGEAASNPEVIARTLRKLKNQPELSEDTIKKAVESLSLELVLTAHPTEITRRTLIHKMVEVNACLKQ
LDNKDIADYEHNQLMRRLRQLIAQSWHTDEIRKLRPSPVDEAKWGFAVVENSLWQGVPNYLRELNEQLEENLGYKLPVEF
VPVRFTSWMGGDRDGNPNVTADITRHVLLLSRWKATDLFLKDIQVLVSELSMVEATPELLALVGEEGAAEPYRYLMKNLR
SRLMATQAWLEARLKGEELPKPEGLLTQNEELWEPLYACYQSLQACGMGIIANGDLLDTLRRVKCFGVPLVRIDIRQEST
RHTEALGELTRYLGIGDYESWSEADKQAFLIRELNSKRPLLPRNWQPSAETREVLDTCQVIAEAPQGSIAAYVISMAKTP
SDVLAVHLLLKEAGIGFAMPVAPLFETLDDLNNANDVMTQLLNIDWYRGLIQGKQMVMIGYSDSAKDAGVMAASWAQYQA
QDALIKTCEKAGIELTLFHGRGGSIGRGGAPAHAALLSQPPGSLKGGLRVTEQGEMIRFKYGLPEITVSSLSLYTGAILE
ANLLPPPEPKESWRRIMDELSVISCDVYRGYVRENKDFVPYFRSATPEQELGKLPLGSRPAKRRPTGGVESLRAIPWIFA
WTQNRLMLPAWLGAGTALQKVVEDGKQSELEAMCRDWPFFSTRLGMLEMVFAKADLWLAEYYDQRLVDKALWPLGKELRN
LQEEDIKVVLAIANDSHLMADLPWIAESIQLRNIYTDPLNVLQAELLHRSRQAEKEGQEPDPRVEQALMVTIAGIAAGMR
NTG
;
_entity_poly.pdbx_strand_id   A
#
# COMPACT_ATOMS: atom_id res chain seq x y z
N GLN A 4 12.39 4.39 29.24
CA GLN A 4 12.28 4.67 27.78
C GLN A 4 10.97 4.11 27.28
N TYR A 5 10.85 2.80 27.09
CA TYR A 5 9.53 2.33 26.60
C TYR A 5 8.50 2.23 27.71
N SER A 6 8.80 2.67 28.91
CA SER A 6 7.97 2.69 30.08
C SER A 6 6.58 3.24 29.83
N ALA A 7 6.46 4.43 29.30
CA ALA A 7 5.23 5.11 28.96
C ALA A 7 4.31 4.29 28.04
N LEU A 8 4.95 3.59 27.09
CA LEU A 8 4.22 2.74 26.18
C LEU A 8 3.71 1.53 26.97
N ARG A 9 4.58 1.00 27.84
CA ARG A 9 4.17 -0.16 28.64
C ARG A 9 3.03 0.19 29.57
N SER A 10 3.00 1.38 30.12
CA SER A 10 1.97 1.87 31.01
C SER A 10 0.64 1.95 30.26
N ASN A 11 0.61 2.62 29.14
CA ASN A 11 -0.56 2.78 28.29
C ASN A 11 -1.14 1.45 27.86
N VAL A 12 -0.32 0.48 27.46
CA VAL A 12 -0.95 -0.77 27.07
C VAL A 12 -1.64 -1.42 28.27
N SER A 13 -0.99 -1.33 29.42
CA SER A 13 -1.54 -1.89 30.65
C SER A 13 -2.84 -1.16 30.98
N MET A 14 -2.84 0.16 30.86
CA MET A 14 -4.03 0.95 31.12
C MET A 14 -5.16 0.55 30.19
N LEU A 15 -4.95 0.61 28.87
CA LEU A 15 -6.01 0.23 27.95
C LEU A 15 -6.53 -1.19 28.09
N GLY A 16 -5.72 -2.08 28.61
CA GLY A 16 -6.06 -3.50 28.78
C GLY A 16 -6.94 -3.63 30.02
N LYS A 17 -6.64 -2.81 31.04
CA LYS A 17 -7.50 -2.86 32.24
C LYS A 17 -8.87 -2.37 31.78
N VAL A 18 -8.90 -1.18 31.21
CA VAL A 18 -10.20 -0.72 30.69
C VAL A 18 -10.89 -1.80 29.88
N LEU A 19 -10.34 -2.52 28.92
CA LEU A 19 -10.96 -3.61 28.13
C LEU A 19 -11.49 -4.74 28.99
N GLY A 20 -10.66 -5.17 29.95
CA GLY A 20 -11.00 -6.20 30.89
C GLY A 20 -12.20 -5.70 31.73
N GLU A 21 -12.18 -4.42 32.12
CA GLU A 21 -13.31 -3.89 32.86
C GLU A 21 -14.57 -4.12 32.03
N THR A 22 -14.55 -3.55 30.83
CA THR A 22 -15.64 -3.66 29.87
C THR A 22 -16.12 -5.07 29.64
N ILE A 23 -15.23 -6.06 29.56
CA ILE A 23 -15.62 -7.45 29.30
C ILE A 23 -16.26 -8.03 30.56
N LYS A 24 -15.75 -7.63 31.73
CA LYS A 24 -16.38 -8.16 32.97
C LYS A 24 -17.83 -7.67 32.91
N ASP A 25 -18.05 -6.37 32.81
CA ASP A 25 -19.40 -5.83 32.73
C ASP A 25 -20.19 -6.61 31.67
N ALA A 26 -19.73 -6.56 30.44
CA ALA A 26 -20.35 -7.18 29.31
C ALA A 26 -21.16 -8.44 29.51
N LEU A 27 -20.47 -9.56 29.53
CA LEU A 27 -21.04 -10.89 29.60
C LEU A 27 -20.28 -11.82 30.50
N GLY A 28 -19.01 -11.52 30.82
CA GLY A 28 -18.38 -12.49 31.67
C GLY A 28 -17.09 -12.25 32.33
N GLU A 29 -16.89 -13.11 33.32
CA GLU A 29 -15.72 -13.18 34.15
C GLU A 29 -15.06 -14.50 33.71
N HIS A 30 -15.90 -15.28 33.04
CA HIS A 30 -15.61 -16.59 32.49
C HIS A 30 -14.70 -16.55 31.26
N ILE A 31 -15.00 -15.60 30.37
CA ILE A 31 -14.26 -15.36 29.14
C ILE A 31 -12.91 -14.77 29.54
N LEU A 32 -12.95 -13.86 30.51
CA LEU A 32 -11.69 -13.29 31.00
C LEU A 32 -10.79 -14.38 31.53
N GLU A 33 -11.42 -15.43 32.07
CA GLU A 33 -10.75 -16.60 32.54
C GLU A 33 -10.32 -17.41 31.28
N ARG A 34 -11.09 -17.52 30.20
CA ARG A 34 -10.84 -18.18 28.92
C ARG A 34 -9.56 -17.61 28.29
N VAL A 35 -9.39 -16.32 28.42
CA VAL A 35 -8.27 -15.51 27.99
C VAL A 35 -7.08 -15.65 28.91
N GLU A 36 -7.21 -15.44 30.19
CA GLU A 36 -6.09 -15.59 31.13
C GLU A 36 -5.54 -17.01 31.20
N THR A 37 -6.34 -18.06 31.08
CA THR A 37 -5.85 -19.43 31.10
C THR A 37 -5.07 -19.68 29.81
N ILE A 38 -5.61 -19.29 28.65
CA ILE A 38 -4.89 -19.49 27.41
C ILE A 38 -3.57 -18.77 27.37
N ARG A 39 -3.38 -17.53 27.87
CA ARG A 39 -2.03 -16.96 27.80
C ARG A 39 -1.07 -17.75 28.70
N LYS A 40 -1.48 -17.95 29.96
CA LYS A 40 -0.65 -18.68 30.91
C LYS A 40 -0.11 -19.98 30.31
N LEU A 41 -1.00 -20.85 29.88
CA LEU A 41 -0.73 -22.15 29.31
C LEU A 41 0.15 -22.13 28.07
N SER A 42 0.01 -21.12 27.28
CA SER A 42 0.72 -20.84 26.07
C SER A 42 2.13 -20.41 26.43
N LYS A 43 2.30 -19.57 27.43
CA LYS A 43 3.64 -19.12 27.85
C LYS A 43 4.36 -20.32 28.44
N SER A 44 3.62 -21.06 29.29
CA SER A 44 4.21 -22.22 29.89
C SER A 44 4.74 -23.15 28.81
N SER A 45 3.88 -23.67 27.95
CA SER A 45 4.16 -24.61 26.88
C SER A 45 5.38 -24.29 26.03
N ARG A 46 5.49 -23.03 25.71
CA ARG A 46 6.58 -22.51 24.95
C ARG A 46 7.88 -22.64 25.70
N ALA A 47 7.88 -22.32 26.98
CA ALA A 47 9.04 -22.36 27.86
C ALA A 47 9.45 -23.77 28.19
N GLY A 48 9.04 -24.75 27.42
CA GLY A 48 9.37 -26.11 27.61
C GLY A 48 8.52 -27.04 28.39
N ASN A 49 7.58 -26.57 29.18
CA ASN A 49 6.74 -27.46 29.97
C ASN A 49 5.85 -28.35 29.12
N ASP A 50 6.25 -29.60 28.86
CA ASP A 50 5.40 -30.47 28.08
C ASP A 50 4.21 -30.96 28.87
N ALA A 51 3.89 -30.54 30.10
CA ALA A 51 2.68 -31.08 30.73
C ALA A 51 1.54 -30.05 30.48
N ASN A 52 1.96 -28.80 30.39
CA ASN A 52 1.12 -27.69 30.12
C ASN A 52 0.77 -27.60 28.64
N ARG A 53 1.37 -28.37 27.79
CA ARG A 53 1.12 -28.40 26.36
C ARG A 53 -0.08 -29.29 26.11
N GLN A 54 -0.20 -30.27 26.97
CA GLN A 54 -1.28 -31.24 27.00
C GLN A 54 -2.54 -30.50 27.46
N GLU A 55 -2.33 -29.76 28.53
CA GLU A 55 -3.34 -28.96 29.20
C GLU A 55 -3.91 -27.90 28.26
N LEU A 56 -3.01 -27.30 27.46
CA LEU A 56 -3.32 -26.31 26.45
C LEU A 56 -4.22 -26.98 25.39
N LEU A 57 -3.78 -28.13 24.88
CA LEU A 57 -4.53 -28.89 23.92
C LEU A 57 -5.90 -29.28 24.45
N THR A 58 -6.04 -29.66 25.74
CA THR A 58 -7.38 -30.05 26.21
C THR A 58 -8.22 -28.78 26.40
N THR A 59 -7.62 -27.74 26.96
CA THR A 59 -8.30 -26.47 27.16
C THR A 59 -8.92 -26.01 25.86
N LEU A 60 -8.14 -25.92 24.79
CA LEU A 60 -8.67 -25.48 23.52
C LEU A 60 -9.78 -26.38 23.01
N GLN A 61 -9.66 -27.69 23.07
CA GLN A 61 -10.63 -28.63 22.58
C GLN A 61 -11.95 -28.58 23.36
N ASN A 62 -11.90 -28.12 24.60
CA ASN A 62 -13.04 -28.04 25.44
C ASN A 62 -13.76 -26.71 25.26
N LEU A 63 -13.24 -25.82 24.46
CA LEU A 63 -13.95 -24.56 24.27
C LEU A 63 -15.24 -24.85 23.53
N SER A 64 -16.37 -24.38 24.04
CA SER A 64 -17.62 -24.63 23.27
C SER A 64 -17.63 -23.63 22.12
N ASN A 65 -18.44 -23.87 21.12
CA ASN A 65 -18.56 -23.03 19.94
C ASN A 65 -19.09 -21.65 20.26
N ASP A 66 -19.76 -21.58 21.42
CA ASP A 66 -20.29 -20.28 21.84
C ASP A 66 -19.23 -19.47 22.49
N GLU A 67 -18.15 -20.11 22.97
CA GLU A 67 -17.03 -19.41 23.59
C GLU A 67 -16.05 -18.91 22.51
N LEU A 68 -15.88 -19.66 21.43
CA LEU A 68 -14.95 -19.31 20.38
C LEU A 68 -14.84 -17.88 19.93
N LEU A 69 -15.87 -17.24 19.38
CA LEU A 69 -15.80 -15.86 18.94
C LEU A 69 -15.48 -14.86 20.03
N PRO A 70 -16.19 -14.85 21.13
CA PRO A 70 -15.90 -13.89 22.21
C PRO A 70 -14.44 -13.99 22.66
N VAL A 71 -13.90 -15.20 22.75
CA VAL A 71 -12.53 -15.46 23.16
C VAL A 71 -11.55 -14.87 22.12
N ALA A 72 -11.83 -15.18 20.86
CA ALA A 72 -11.09 -14.68 19.72
C ALA A 72 -11.13 -13.14 19.69
N ARG A 73 -12.34 -12.57 19.67
CA ARG A 73 -12.45 -11.12 19.68
C ARG A 73 -11.68 -10.53 20.83
N ALA A 74 -11.72 -11.12 22.04
CA ALA A 74 -10.97 -10.57 23.16
C ALA A 74 -9.49 -10.46 22.79
N PHE A 75 -8.93 -11.61 22.42
CA PHE A 75 -7.52 -11.63 22.01
C PHE A 75 -7.30 -10.63 20.91
N SER A 76 -8.19 -10.49 19.94
CA SER A 76 -8.06 -9.51 18.89
C SER A 76 -8.10 -8.09 19.36
N GLN A 77 -8.94 -7.83 20.39
CA GLN A 77 -9.04 -6.49 20.94
C GLN A 77 -7.80 -6.10 21.72
N PHE A 78 -7.27 -6.99 22.54
CA PHE A 78 -6.06 -6.64 23.31
C PHE A 78 -4.99 -6.25 22.31
N LEU A 79 -4.86 -7.03 21.21
CA LEU A 79 -3.87 -6.65 20.23
C LEU A 79 -4.15 -5.29 19.68
N ASN A 80 -5.44 -5.05 19.40
CA ASN A 80 -5.78 -3.72 18.85
C ASN A 80 -5.37 -2.58 19.72
N LEU A 81 -5.52 -2.70 21.05
CA LEU A 81 -5.10 -1.60 21.96
C LEU A 81 -3.60 -1.49 22.00
N ALA A 82 -2.96 -2.66 21.95
CA ALA A 82 -1.50 -2.64 21.85
C ALA A 82 -1.06 -1.82 20.64
N ASN A 83 -1.56 -2.05 19.41
CA ASN A 83 -1.12 -1.25 18.27
C ASN A 83 -1.41 0.22 18.43
N THR A 84 -2.56 0.58 19.03
CA THR A 84 -2.90 2.00 19.17
C THR A 84 -2.00 2.66 20.20
N ALA A 85 -1.59 1.92 21.25
CA ALA A 85 -0.62 2.42 22.23
C ALA A 85 0.69 2.54 21.40
N GLU A 86 1.03 1.50 20.62
CA GLU A 86 2.24 1.59 19.79
C GLU A 86 2.24 2.80 18.86
N GLN A 87 1.18 2.98 18.06
CA GLN A 87 1.12 4.13 17.17
C GLN A 87 1.06 5.45 17.94
N TYR A 88 0.40 5.53 19.13
CA TYR A 88 0.38 6.82 19.79
C TYR A 88 1.80 7.26 20.15
N HIS A 89 2.59 6.42 20.76
CA HIS A 89 3.95 6.55 21.17
C HIS A 89 4.84 7.05 20.04
N SER A 90 4.58 6.57 18.83
CA SER A 90 5.35 6.96 17.67
C SER A 90 5.17 8.39 17.29
N ILE A 91 4.02 9.00 17.49
CA ILE A 91 3.96 10.41 17.07
C ILE A 91 4.11 11.35 18.23
N SER A 92 4.02 10.84 19.46
CA SER A 92 4.15 11.71 20.64
C SER A 92 5.57 12.21 20.78
N PRO A 93 5.74 13.52 20.98
CA PRO A 93 7.06 14.11 21.14
C PRO A 93 7.87 13.50 22.27
N LYS A 94 7.28 12.85 23.27
CA LYS A 94 8.12 12.24 24.33
C LYS A 94 8.04 10.72 24.06
N GLY A 95 8.51 10.29 22.94
CA GLY A 95 8.55 8.95 22.43
C GLY A 95 9.33 9.09 21.10
N GLU A 96 9.28 8.17 20.17
CA GLU A 96 10.05 8.30 18.94
C GLU A 96 9.71 9.52 18.12
N ALA A 97 8.62 10.22 18.28
CA ALA A 97 8.26 11.44 17.60
C ALA A 97 8.26 11.53 16.09
N ALA A 98 7.80 10.53 15.37
CA ALA A 98 7.77 10.53 13.92
C ALA A 98 7.40 11.78 13.20
N SER A 99 6.55 12.67 13.63
CA SER A 99 6.23 13.86 12.82
C SER A 99 6.90 15.15 13.22
N ASN A 100 8.07 15.10 13.87
CA ASN A 100 8.79 16.29 14.27
C ASN A 100 9.51 16.72 13.02
N PRO A 101 9.26 17.92 12.54
CA PRO A 101 9.90 18.43 11.36
C PRO A 101 11.40 18.39 11.30
N GLU A 102 12.17 17.79 12.21
CA GLU A 102 13.61 17.75 12.11
C GLU A 102 13.95 16.69 11.05
N VAL A 103 13.03 15.76 10.86
CA VAL A 103 13.17 14.72 9.86
C VAL A 103 13.43 15.40 8.53
N ILE A 104 12.72 16.48 8.22
CA ILE A 104 12.97 17.16 6.96
C ILE A 104 14.30 17.92 7.07
N ALA A 105 14.39 18.76 8.10
CA ALA A 105 15.56 19.59 8.33
C ALA A 105 16.87 18.82 8.41
N ARG A 106 16.89 17.64 9.02
CA ARG A 106 18.13 16.89 9.12
C ARG A 106 18.61 16.62 7.71
N THR A 107 17.67 16.17 6.87
CA THR A 107 17.99 15.91 5.45
C THR A 107 18.43 17.21 4.81
N LEU A 108 17.68 18.28 4.91
CA LEU A 108 18.11 19.53 4.28
C LEU A 108 19.42 20.08 4.83
N ARG A 109 19.75 19.83 6.10
CA ARG A 109 20.99 20.40 6.58
C ARG A 109 22.15 19.68 5.91
N LYS A 110 22.07 18.36 5.96
CA LYS A 110 23.08 17.48 5.35
C LYS A 110 23.39 18.02 3.94
N LEU A 111 22.37 18.13 3.11
CA LEU A 111 22.62 18.62 1.77
C LEU A 111 23.36 19.94 1.76
N LYS A 112 22.78 20.99 2.30
CA LYS A 112 23.27 22.35 2.37
C LYS A 112 24.71 22.44 2.75
N ASN A 113 25.16 21.63 3.72
CA ASN A 113 26.60 21.78 3.98
C ASN A 113 27.33 20.52 3.58
N GLN A 114 27.35 20.30 2.29
CA GLN A 114 27.98 19.22 1.58
C GLN A 114 28.71 19.91 0.42
N PRO A 115 30.02 19.99 0.55
CA PRO A 115 30.84 20.66 -0.46
C PRO A 115 30.63 20.02 -1.81
N GLU A 116 30.77 20.78 -2.89
CA GLU A 116 30.54 20.18 -4.20
C GLU A 116 29.05 19.92 -4.45
N LEU A 117 28.18 20.70 -3.85
CA LEU A 117 26.73 20.66 -3.98
C LEU A 117 26.28 22.12 -4.10
N SER A 118 26.14 22.61 -5.32
CA SER A 118 25.72 24.00 -5.48
C SER A 118 24.29 24.16 -4.98
N GLU A 119 24.03 25.31 -4.35
CA GLU A 119 22.68 25.55 -3.87
C GLU A 119 21.63 25.50 -4.96
N ASP A 120 21.97 25.86 -6.19
CA ASP A 120 21.02 25.82 -7.29
C ASP A 120 20.76 24.34 -7.66
N THR A 121 21.80 23.50 -7.49
CA THR A 121 21.58 22.09 -7.80
C THR A 121 20.47 21.63 -6.83
N ILE A 122 20.59 22.02 -5.57
CA ILE A 122 19.61 21.66 -4.56
C ILE A 122 18.23 22.24 -4.86
N LYS A 123 18.15 23.52 -5.14
CA LYS A 123 16.90 24.15 -5.47
C LYS A 123 16.16 23.48 -6.62
N LYS A 124 16.79 23.07 -7.72
CA LYS A 124 16.09 22.42 -8.81
C LYS A 124 15.61 21.04 -8.42
N ALA A 125 16.32 20.40 -7.49
CA ALA A 125 15.85 19.07 -7.07
C ALA A 125 14.57 19.28 -6.25
N VAL A 126 14.56 20.40 -5.49
CA VAL A 126 13.41 20.70 -4.68
C VAL A 126 12.21 20.93 -5.58
N GLU A 127 12.35 21.83 -6.53
CA GLU A 127 11.36 22.21 -7.51
C GLU A 127 10.91 21.05 -8.41
N SER A 128 11.59 19.92 -8.41
CA SER A 128 11.21 18.81 -9.21
C SER A 128 10.74 17.62 -8.39
N LEU A 129 10.54 17.74 -7.10
CA LEU A 129 10.05 16.66 -6.26
C LEU A 129 8.69 16.20 -6.83
N SER A 130 8.43 14.92 -6.56
CA SER A 130 7.15 14.39 -7.00
C SER A 130 6.86 13.07 -6.32
N LEU A 131 5.75 13.01 -5.60
CA LEU A 131 5.32 11.77 -4.93
C LEU A 131 3.88 11.40 -5.35
N GLU A 132 3.59 10.15 -5.56
CA GLU A 132 2.26 9.70 -5.98
C GLU A 132 2.02 8.39 -5.23
N LEU A 133 1.12 8.37 -4.26
CA LEU A 133 0.94 7.18 -3.48
C LEU A 133 -0.35 6.53 -3.96
N VAL A 134 -0.25 5.30 -4.38
CA VAL A 134 -1.37 4.58 -4.90
C VAL A 134 -1.90 3.67 -3.81
N LEU A 135 -3.12 3.99 -3.36
CA LEU A 135 -3.74 3.15 -2.32
C LEU A 135 -4.27 1.85 -2.91
N THR A 136 -4.18 0.83 -2.15
CA THR A 136 -4.58 -0.52 -2.48
C THR A 136 -5.53 -1.09 -1.43
N ALA A 137 -6.34 -2.07 -1.80
CA ALA A 137 -7.29 -2.61 -0.85
C ALA A 137 -6.59 -3.38 0.26
N HIS A 138 -7.31 -3.51 1.37
CA HIS A 138 -6.84 -4.27 2.52
C HIS A 138 -7.36 -5.68 2.33
N PRO A 139 -6.50 -6.68 2.24
CA PRO A 139 -6.93 -8.06 2.05
C PRO A 139 -7.64 -8.65 3.24
N THR A 140 -7.43 -8.21 4.47
CA THR A 140 -8.17 -8.90 5.56
C THR A 140 -9.02 -7.94 6.36
N GLU A 141 -9.82 -7.12 5.67
CA GLU A 141 -10.70 -6.17 6.33
C GLU A 141 -12.00 -6.95 6.64
N ILE A 142 -12.20 -7.26 7.90
CA ILE A 142 -13.27 -8.08 8.42
C ILE A 142 -14.58 -7.49 8.80
N THR A 143 -14.69 -6.22 9.07
CA THR A 143 -15.92 -5.57 9.49
C THR A 143 -16.64 -4.95 8.31
N ARG A 144 -17.85 -4.38 8.49
CA ARG A 144 -18.55 -3.82 7.35
C ARG A 144 -18.52 -2.32 7.29
N ARG A 145 -18.02 -1.67 8.34
CA ARG A 145 -17.93 -0.22 8.27
C ARG A 145 -16.50 0.15 8.68
N THR A 146 -15.97 1.21 8.09
CA THR A 146 -14.60 1.63 8.42
C THR A 146 -14.52 2.16 9.84
N LEU A 147 -13.46 1.77 10.53
CA LEU A 147 -13.21 2.16 11.90
C LEU A 147 -12.23 3.31 12.00
N ILE A 148 -11.80 3.87 10.87
CA ILE A 148 -10.84 4.95 10.91
C ILE A 148 -11.14 5.99 11.99
N HIS A 149 -12.24 6.70 11.78
CA HIS A 149 -12.65 7.75 12.71
C HIS A 149 -12.63 7.36 14.17
N LYS A 150 -12.98 6.16 14.61
CA LYS A 150 -12.93 5.85 16.05
C LYS A 150 -11.50 5.90 16.58
N MET A 151 -10.55 5.37 15.82
CA MET A 151 -9.13 5.35 16.08
C MET A 151 -8.57 6.76 16.23
N VAL A 152 -9.06 7.70 15.44
CA VAL A 152 -8.58 9.09 15.57
C VAL A 152 -8.91 9.60 16.97
N GLU A 153 -10.07 9.18 17.44
CA GLU A 153 -10.61 9.51 18.73
C GLU A 153 -9.87 8.81 19.85
N VAL A 154 -9.68 7.49 19.85
CA VAL A 154 -8.91 6.90 20.95
C VAL A 154 -7.57 7.58 21.15
N ASN A 155 -6.89 7.94 20.05
CA ASN A 155 -5.63 8.59 19.98
C ASN A 155 -5.73 10.00 20.55
N ALA A 156 -6.85 10.67 20.28
CA ALA A 156 -6.98 12.04 20.81
C ALA A 156 -7.06 11.94 22.34
N CYS A 157 -7.85 10.97 22.81
CA CYS A 157 -7.96 10.76 24.25
C CYS A 157 -6.63 10.46 24.86
N LEU A 158 -5.72 9.66 24.27
CA LEU A 158 -4.41 9.35 24.86
C LEU A 158 -3.52 10.58 24.88
N LYS A 159 -3.68 11.37 23.83
CA LYS A 159 -2.92 12.62 23.72
C LYS A 159 -3.21 13.49 24.95
N GLN A 160 -4.52 13.71 25.18
CA GLN A 160 -4.93 14.51 26.32
C GLN A 160 -4.56 13.95 27.66
N LEU A 161 -4.60 12.64 27.86
CA LEU A 161 -4.21 12.09 29.15
C LEU A 161 -2.71 12.23 29.37
N ASP A 162 -1.94 12.57 28.35
CA ASP A 162 -0.50 12.73 28.46
C ASP A 162 -0.16 14.05 29.16
N ASN A 163 -1.11 14.97 29.23
CA ASN A 163 -0.75 16.22 29.89
C ASN A 163 -0.56 15.97 31.40
N LYS A 164 0.65 16.32 31.83
CA LYS A 164 0.96 16.18 33.28
C LYS A 164 0.17 17.33 33.92
N ASP A 165 0.05 17.43 35.23
CA ASP A 165 -0.74 18.56 35.73
C ASP A 165 -2.17 18.53 35.19
N ILE A 166 -2.77 17.38 34.80
CA ILE A 166 -4.14 17.53 34.34
C ILE A 166 -5.01 17.38 35.64
N ALA A 167 -5.85 18.40 35.78
CA ALA A 167 -6.75 18.46 36.93
C ALA A 167 -7.49 17.14 37.02
N ASP A 168 -7.58 16.56 38.21
CA ASP A 168 -8.27 15.29 38.34
C ASP A 168 -9.62 15.21 37.67
N TYR A 169 -10.43 16.24 37.60
CA TYR A 169 -11.74 16.19 36.98
C TYR A 169 -11.60 16.03 35.49
N GLU A 170 -10.58 16.70 34.92
CA GLU A 170 -10.39 16.56 33.46
C GLU A 170 -10.04 15.09 33.17
N HIS A 171 -9.14 14.59 34.00
CA HIS A 171 -8.70 13.22 33.91
C HIS A 171 -9.82 12.23 33.95
N ASN A 172 -10.73 12.49 34.86
CA ASN A 172 -11.91 11.67 35.07
C ASN A 172 -12.80 11.71 33.84
N GLN A 173 -12.97 12.89 33.25
CA GLN A 173 -13.81 13.10 32.08
C GLN A 173 -13.29 12.32 30.86
N LEU A 174 -11.97 12.47 30.68
CA LEU A 174 -11.22 11.78 29.61
C LEU A 174 -11.36 10.28 29.77
N MET A 175 -11.06 9.78 30.96
CA MET A 175 -11.24 8.35 31.17
C MET A 175 -12.67 7.92 30.90
N ARG A 176 -13.69 8.73 31.20
CA ARG A 176 -15.09 8.31 30.98
C ARG A 176 -15.39 8.13 29.51
N ARG A 177 -14.84 8.98 28.66
CA ARG A 177 -15.05 8.84 27.22
C ARG A 177 -14.24 7.62 26.78
N LEU A 178 -12.98 7.51 27.23
CA LEU A 178 -12.18 6.34 26.88
C LEU A 178 -12.94 5.05 27.14
N ARG A 179 -13.61 4.91 28.28
CA ARG A 179 -14.36 3.67 28.58
C ARG A 179 -15.54 3.50 27.60
N GLN A 180 -16.16 4.63 27.23
CA GLN A 180 -17.25 4.62 26.28
C GLN A 180 -16.75 4.07 24.95
N LEU A 181 -15.72 4.70 24.41
CA LEU A 181 -15.06 4.34 23.16
C LEU A 181 -14.61 2.88 23.15
N ILE A 182 -14.04 2.34 24.24
CA ILE A 182 -13.62 0.94 24.23
C ILE A 182 -14.87 0.10 24.21
N ALA A 183 -15.83 0.38 25.11
CA ALA A 183 -17.06 -0.38 25.16
C ALA A 183 -17.65 -0.49 23.75
N GLN A 184 -17.80 0.63 23.05
CA GLN A 184 -18.31 0.64 21.69
C GLN A 184 -17.67 -0.52 20.92
N SER A 185 -16.34 -0.57 20.79
CA SER A 185 -15.65 -1.62 20.09
C SER A 185 -15.94 -3.03 20.56
N TRP A 186 -16.13 -3.26 21.86
CA TRP A 186 -16.40 -4.63 22.31
C TRP A 186 -17.81 -5.03 21.91
N HIS A 187 -18.75 -4.08 21.91
CA HIS A 187 -20.14 -4.36 21.60
C HIS A 187 -20.50 -4.04 20.18
N THR A 188 -19.79 -3.09 19.57
CA THR A 188 -20.15 -2.78 18.19
C THR A 188 -19.60 -3.86 17.28
N ASP A 189 -20.19 -5.04 17.27
CA ASP A 189 -19.61 -6.04 16.36
C ASP A 189 -20.44 -6.06 15.06
N GLU A 190 -19.62 -6.03 14.02
CA GLU A 190 -19.97 -6.10 12.61
C GLU A 190 -19.01 -7.19 12.09
N ILE A 191 -19.36 -8.05 11.20
CA ILE A 191 -18.46 -9.06 10.65
C ILE A 191 -19.01 -9.27 9.23
N ARG A 192 -18.20 -9.05 8.19
CA ARG A 192 -18.82 -9.26 6.87
C ARG A 192 -19.35 -10.71 6.91
N LYS A 193 -20.45 -10.92 6.24
CA LYS A 193 -21.03 -12.26 6.15
C LYS A 193 -20.66 -12.69 4.72
N LEU A 194 -20.60 -11.65 3.89
CA LEU A 194 -20.29 -11.76 2.50
C LEU A 194 -19.07 -10.92 2.08
N ARG A 195 -18.46 -11.51 1.06
CA ARG A 195 -17.29 -10.96 0.38
C ARG A 195 -17.57 -9.50 0.09
N PRO A 196 -16.67 -8.63 0.45
CA PRO A 196 -16.88 -7.21 0.16
C PRO A 196 -16.86 -7.11 -1.37
N SER A 197 -17.19 -5.91 -1.82
CA SER A 197 -17.22 -5.67 -3.24
C SER A 197 -16.29 -4.51 -3.55
N PRO A 198 -15.87 -4.41 -4.81
CA PRO A 198 -15.02 -3.29 -5.18
C PRO A 198 -15.56 -1.98 -4.72
N VAL A 199 -16.87 -1.74 -4.58
CA VAL A 199 -17.38 -0.44 -4.17
C VAL A 199 -17.08 -0.21 -2.69
N ASP A 200 -17.24 -1.27 -1.94
CA ASP A 200 -16.97 -1.28 -0.51
C ASP A 200 -15.52 -0.92 -0.30
N GLU A 201 -14.64 -1.58 -1.01
CA GLU A 201 -13.18 -1.33 -0.90
C GLU A 201 -12.89 0.05 -1.41
N ALA A 202 -13.62 0.50 -2.43
CA ALA A 202 -13.39 1.87 -2.91
C ALA A 202 -13.81 2.80 -1.76
N LYS A 203 -14.85 2.40 -1.01
CA LYS A 203 -15.32 3.25 0.07
C LYS A 203 -14.39 3.40 1.25
N TRP A 204 -13.65 2.32 1.53
CA TRP A 204 -12.68 2.38 2.66
C TRP A 204 -11.62 3.38 2.30
N GLY A 205 -11.21 3.48 1.02
CA GLY A 205 -10.20 4.46 0.64
C GLY A 205 -10.75 5.86 0.80
N PHE A 206 -12.05 6.05 0.64
CA PHE A 206 -12.55 7.43 0.84
C PHE A 206 -12.45 7.75 2.34
N ALA A 207 -12.69 6.79 3.20
CA ALA A 207 -12.61 6.90 4.63
C ALA A 207 -11.16 7.27 5.02
N VAL A 208 -10.18 6.65 4.34
CA VAL A 208 -8.80 7.03 4.65
C VAL A 208 -8.59 8.45 4.18
N VAL A 209 -9.13 8.76 3.01
CA VAL A 209 -8.90 10.12 2.54
C VAL A 209 -9.47 11.15 3.47
N GLU A 210 -10.71 10.99 3.92
CA GLU A 210 -11.27 12.04 4.77
C GLU A 210 -10.82 12.03 6.21
N ASN A 211 -10.54 10.89 6.84
CA ASN A 211 -10.11 10.91 8.22
C ASN A 211 -8.66 11.17 8.48
N SER A 212 -7.86 11.24 7.42
CA SER A 212 -6.44 11.45 7.59
C SER A 212 -5.73 12.18 6.50
N LEU A 213 -5.93 11.87 5.21
CA LEU A 213 -5.22 12.55 4.13
C LEU A 213 -5.66 13.98 3.96
N TRP A 214 -6.96 14.23 4.08
CA TRP A 214 -7.49 15.59 3.95
C TRP A 214 -6.80 16.61 4.84
N GLN A 215 -6.46 16.28 6.09
CA GLN A 215 -5.75 17.22 6.93
C GLN A 215 -4.24 17.02 6.78
N GLY A 216 -3.87 15.74 6.66
CA GLY A 216 -2.49 15.36 6.56
C GLY A 216 -1.71 15.99 5.45
N VAL A 217 -2.28 15.99 4.22
CA VAL A 217 -1.46 16.56 3.16
C VAL A 217 -1.09 17.98 3.33
N PRO A 218 -2.02 18.86 3.56
CA PRO A 218 -1.73 20.28 3.73
C PRO A 218 -0.79 20.53 4.89
N ASN A 219 -0.83 19.81 5.99
CA ASN A 219 0.09 19.99 7.11
C ASN A 219 1.49 19.60 6.68
N TYR A 220 1.57 18.48 5.94
CA TYR A 220 2.86 18.02 5.41
C TYR A 220 3.41 19.18 4.58
N LEU A 221 2.60 19.76 3.71
CA LEU A 221 3.06 20.87 2.90
C LEU A 221 3.42 22.12 3.66
N ARG A 222 2.83 22.37 4.81
CA ARG A 222 3.20 23.60 5.56
C ARG A 222 4.54 23.40 6.23
N GLU A 223 4.72 22.29 6.91
CA GLU A 223 5.95 21.94 7.58
C GLU A 223 7.08 21.93 6.59
N LEU A 224 6.93 21.22 5.46
CA LEU A 224 7.95 21.14 4.42
C LEU A 224 8.31 22.56 3.97
N ASN A 225 7.29 23.41 3.85
CA ASN A 225 7.58 24.77 3.44
C ASN A 225 8.28 25.59 4.50
N GLU A 226 7.86 25.43 5.74
CA GLU A 226 8.51 26.20 6.80
C GLU A 226 9.96 25.74 6.83
N GLN A 227 10.23 24.45 6.68
CA GLN A 227 11.62 23.97 6.71
C GLN A 227 12.47 24.44 5.56
N LEU A 228 11.94 24.49 4.34
CA LEU A 228 12.70 24.96 3.20
C LEU A 228 13.27 26.34 3.45
N GLU A 229 12.37 27.25 3.83
CA GLU A 229 12.69 28.62 4.09
C GLU A 229 13.63 28.81 5.28
N GLU A 230 13.42 28.06 6.33
CA GLU A 230 14.28 28.13 7.49
C GLU A 230 15.68 27.69 7.06
N ASN A 231 15.82 26.41 6.63
CA ASN A 231 17.11 25.90 6.25
C ASN A 231 17.68 26.39 4.96
N LEU A 232 16.94 26.60 3.90
CA LEU A 232 17.49 27.03 2.63
C LEU A 232 17.18 28.45 2.25
N GLY A 233 16.19 29.14 2.75
CA GLY A 233 16.00 30.54 2.34
C GLY A 233 14.93 30.78 1.34
N TYR A 234 14.05 29.81 1.08
CA TYR A 234 13.00 30.06 0.10
C TYR A 234 11.87 29.07 0.29
N LYS A 235 10.69 29.47 -0.13
CA LYS A 235 9.50 28.64 -0.01
C LYS A 235 9.08 28.21 -1.43
N LEU A 236 8.56 27.01 -1.63
CA LEU A 236 8.12 26.60 -2.96
C LEU A 236 6.96 27.52 -3.29
N PRO A 237 6.65 27.76 -4.54
CA PRO A 237 5.56 28.62 -4.95
C PRO A 237 4.22 27.95 -4.67
N VAL A 238 3.18 28.72 -4.44
CA VAL A 238 1.85 28.23 -4.15
C VAL A 238 1.31 27.22 -5.14
N GLU A 239 1.63 27.39 -6.42
CA GLU A 239 1.18 26.52 -7.46
C GLU A 239 1.88 25.18 -7.48
N PHE A 240 2.87 24.94 -6.62
CA PHE A 240 3.54 23.66 -6.65
C PHE A 240 3.14 22.67 -5.59
N VAL A 241 2.25 21.73 -5.87
CA VAL A 241 1.83 20.70 -4.95
C VAL A 241 2.41 19.36 -5.36
N PRO A 242 3.57 18.95 -4.83
CA PRO A 242 4.19 17.72 -5.23
C PRO A 242 3.62 16.41 -4.83
N VAL A 243 2.44 16.34 -4.18
CA VAL A 243 1.91 15.04 -3.78
C VAL A 243 0.58 14.81 -4.51
N ARG A 244 0.21 13.61 -4.83
CA ARG A 244 -1.01 13.23 -5.51
C ARG A 244 -1.35 11.80 -4.95
N PHE A 245 -2.59 11.48 -4.66
CA PHE A 245 -3.00 10.17 -4.19
C PHE A 245 -3.83 9.51 -5.29
N THR A 246 -3.69 8.21 -5.47
CA THR A 246 -4.37 7.47 -6.52
C THR A 246 -4.84 6.17 -5.89
N SER A 247 -5.80 5.46 -6.47
CA SER A 247 -6.29 4.27 -5.88
C SER A 247 -6.45 3.19 -6.95
N TRP A 248 -6.32 1.92 -6.55
CA TRP A 248 -6.47 0.86 -7.51
C TRP A 248 -7.86 0.24 -7.27
N MET A 249 -8.56 0.79 -6.23
CA MET A 249 -9.86 0.23 -5.87
C MET A 249 -10.92 0.52 -6.95
N GLY A 250 -11.48 -0.53 -7.54
CA GLY A 250 -12.43 -0.44 -8.61
C GLY A 250 -11.68 -0.13 -9.93
N GLY A 251 -10.37 -0.26 -10.00
CA GLY A 251 -9.50 -0.01 -11.13
C GLY A 251 -8.67 -1.25 -11.48
N ASP A 252 -8.35 -2.05 -10.52
CA ASP A 252 -7.57 -3.24 -10.70
C ASP A 252 -8.45 -4.43 -10.99
N ARG A 253 -8.36 -4.97 -12.21
CA ARG A 253 -9.23 -6.15 -12.45
C ARG A 253 -8.31 -7.36 -12.67
N ASP A 254 -7.01 -7.10 -12.54
CA ASP A 254 -6.12 -8.25 -12.73
C ASP A 254 -6.55 -9.42 -11.91
N GLY A 255 -7.01 -10.52 -12.41
CA GLY A 255 -7.43 -11.67 -11.63
C GLY A 255 -8.77 -11.50 -10.97
N ASN A 256 -9.46 -10.37 -11.10
CA ASN A 256 -10.73 -10.18 -10.47
C ASN A 256 -11.93 -9.91 -11.34
N PRO A 257 -12.66 -10.99 -11.61
CA PRO A 257 -13.87 -10.91 -12.40
C PRO A 257 -14.80 -9.93 -11.75
N ASN A 258 -15.04 -9.79 -10.49
CA ASN A 258 -15.94 -8.78 -9.93
C ASN A 258 -15.66 -7.34 -10.24
N VAL A 259 -14.49 -6.98 -10.79
CA VAL A 259 -14.26 -5.57 -11.10
C VAL A 259 -14.54 -5.43 -12.61
N THR A 260 -15.82 -5.11 -12.86
CA THR A 260 -16.29 -4.95 -14.22
C THR A 260 -16.23 -3.52 -14.66
N ALA A 261 -16.38 -3.30 -15.98
CA ALA A 261 -16.36 -1.92 -16.48
C ALA A 261 -17.48 -1.14 -15.83
N ASP A 262 -18.60 -1.80 -15.53
CA ASP A 262 -19.73 -1.16 -14.85
C ASP A 262 -19.31 -0.68 -13.45
N ILE A 263 -18.63 -1.58 -12.71
CA ILE A 263 -18.16 -1.15 -11.39
C ILE A 263 -17.27 0.06 -11.48
N THR A 264 -16.32 0.05 -12.42
CA THR A 264 -15.37 1.19 -12.50
C THR A 264 -16.10 2.46 -12.82
N ARG A 265 -17.06 2.34 -13.73
CA ARG A 265 -17.86 3.52 -14.13
C ARG A 265 -18.46 4.12 -12.84
N HIS A 266 -19.11 3.22 -12.08
CA HIS A 266 -19.74 3.52 -10.83
C HIS A 266 -18.76 4.16 -9.87
N VAL A 267 -17.67 3.42 -9.56
CA VAL A 267 -16.68 4.00 -8.66
C VAL A 267 -16.16 5.31 -9.15
N LEU A 268 -16.02 5.52 -10.46
CA LEU A 268 -15.48 6.79 -10.93
C LEU A 268 -16.38 7.95 -10.52
N LEU A 269 -17.68 7.66 -10.57
CA LEU A 269 -18.73 8.65 -10.25
C LEU A 269 -18.72 8.96 -8.75
N LEU A 270 -18.77 7.90 -7.93
CA LEU A 270 -18.72 7.98 -6.51
C LEU A 270 -17.57 8.84 -5.99
N SER A 271 -16.37 8.71 -6.55
CA SER A 271 -15.27 9.53 -6.14
C SER A 271 -15.65 11.00 -6.33
N ARG A 272 -16.26 11.27 -7.49
CA ARG A 272 -16.63 12.67 -7.78
C ARG A 272 -17.66 13.17 -6.81
N TRP A 273 -18.56 12.23 -6.45
CA TRP A 273 -19.54 12.62 -5.48
C TRP A 273 -18.83 12.97 -4.16
N LYS A 274 -17.94 12.07 -3.72
CA LYS A 274 -17.29 12.38 -2.46
C LYS A 274 -16.42 13.62 -2.51
N ALA A 275 -15.84 14.01 -3.64
CA ALA A 275 -14.98 15.19 -3.63
C ALA A 275 -15.83 16.45 -3.42
N THR A 276 -17.05 16.32 -3.92
CA THR A 276 -18.05 17.40 -3.84
C THR A 276 -18.45 17.58 -2.37
N ASP A 277 -18.63 16.45 -1.67
CA ASP A 277 -18.91 16.38 -0.30
C ASP A 277 -17.76 17.10 0.44
N LEU A 278 -16.52 16.59 0.34
CA LEU A 278 -15.43 17.26 1.07
C LEU A 278 -15.23 18.66 0.60
N PHE A 279 -15.24 18.96 -0.70
CA PHE A 279 -15.04 20.36 -1.12
C PHE A 279 -16.10 21.32 -0.63
N LEU A 280 -17.32 20.85 -0.40
CA LEU A 280 -18.37 21.76 0.12
C LEU A 280 -17.97 22.17 1.55
N LYS A 281 -17.55 21.19 2.39
CA LYS A 281 -17.15 21.60 3.72
C LYS A 281 -16.06 22.64 3.62
N ASP A 282 -15.12 22.56 2.68
CA ASP A 282 -14.10 23.58 2.67
C ASP A 282 -14.73 24.90 2.22
N ILE A 283 -15.49 24.84 1.14
CA ILE A 283 -16.09 26.08 0.61
C ILE A 283 -16.99 26.78 1.58
N GLN A 284 -17.79 26.07 2.41
CA GLN A 284 -18.65 26.76 3.36
C GLN A 284 -17.83 27.67 4.28
N VAL A 285 -16.80 27.10 4.89
CA VAL A 285 -15.91 27.83 5.75
C VAL A 285 -15.49 29.11 5.05
N LEU A 286 -15.02 28.94 3.82
CA LEU A 286 -14.54 30.09 3.05
C LEU A 286 -15.62 31.11 2.80
N VAL A 287 -16.81 30.69 2.45
CA VAL A 287 -17.89 31.63 2.21
C VAL A 287 -18.16 32.54 3.42
N SER A 288 -18.07 32.03 4.63
CA SER A 288 -18.27 32.84 5.80
C SER A 288 -17.04 33.60 6.25
N GLU A 289 -15.83 33.06 6.21
CA GLU A 289 -14.66 33.82 6.65
C GLU A 289 -14.16 34.82 5.65
N LEU A 290 -14.50 34.73 4.36
CA LEU A 290 -13.96 35.77 3.45
C LEU A 290 -14.88 36.97 3.31
N SER A 291 -14.94 37.82 4.32
CA SER A 291 -15.71 39.05 4.43
C SER A 291 -14.87 40.29 4.07
N MET A 292 -13.68 40.09 3.62
CA MET A 292 -12.74 41.13 3.20
C MET A 292 -13.42 41.93 2.10
N VAL A 293 -13.26 43.24 2.02
CA VAL A 293 -13.92 43.96 0.92
C VAL A 293 -12.84 44.63 0.07
N GLU A 294 -11.60 44.57 0.59
CA GLU A 294 -10.48 45.22 -0.12
C GLU A 294 -10.02 44.23 -1.19
N ALA A 295 -10.09 44.65 -2.45
CA ALA A 295 -9.73 43.76 -3.55
C ALA A 295 -8.98 44.48 -4.67
N THR A 296 -8.41 43.71 -5.57
CA THR A 296 -7.63 44.25 -6.68
C THR A 296 -8.46 44.55 -7.93
N PRO A 297 -7.94 45.45 -8.76
CA PRO A 297 -8.60 45.80 -10.02
C PRO A 297 -8.97 44.48 -10.68
N GLU A 298 -7.97 43.66 -10.95
CA GLU A 298 -8.13 42.34 -11.54
C GLU A 298 -9.22 41.56 -10.85
N LEU A 299 -9.19 41.40 -9.53
CA LEU A 299 -10.28 40.66 -8.89
C LEU A 299 -11.63 41.34 -9.02
N LEU A 300 -11.72 42.63 -8.82
CA LEU A 300 -12.98 43.38 -8.93
C LEU A 300 -13.57 43.22 -10.33
N ALA A 301 -12.69 43.30 -11.33
CA ALA A 301 -13.03 43.12 -12.73
C ALA A 301 -13.74 41.77 -12.89
N LEU A 302 -13.12 40.75 -12.31
CA LEU A 302 -13.58 39.38 -12.33
C LEU A 302 -14.96 39.19 -11.78
N VAL A 303 -15.49 40.18 -11.08
CA VAL A 303 -16.82 40.08 -10.51
C VAL A 303 -17.67 41.22 -11.09
N GLY A 304 -17.01 42.38 -11.09
CA GLY A 304 -17.49 43.64 -11.57
C GLY A 304 -18.94 43.91 -11.26
N GLU A 305 -19.22 44.56 -10.14
CA GLU A 305 -20.62 44.88 -9.80
C GLU A 305 -21.31 43.58 -9.40
N GLU A 306 -22.53 43.69 -8.92
CA GLU A 306 -23.40 42.66 -8.41
C GLU A 306 -22.89 42.14 -7.05
N GLY A 307 -21.68 41.61 -7.05
CA GLY A 307 -21.01 41.12 -5.87
C GLY A 307 -19.72 41.92 -5.70
N ALA A 308 -19.70 43.17 -6.19
CA ALA A 308 -18.46 43.95 -6.02
C ALA A 308 -18.46 44.64 -4.66
N ALA A 309 -19.33 44.22 -3.76
CA ALA A 309 -19.46 44.77 -2.42
C ALA A 309 -19.20 43.67 -1.39
N GLU A 310 -18.72 42.55 -1.90
CA GLU A 310 -18.41 41.33 -1.11
C GLU A 310 -17.76 40.39 -2.13
N PRO A 311 -16.61 40.84 -2.64
CA PRO A 311 -15.89 40.17 -3.69
C PRO A 311 -15.46 38.77 -3.48
N TYR A 312 -14.63 38.49 -2.47
CA TYR A 312 -14.16 37.13 -2.24
C TYR A 312 -15.32 36.19 -1.92
N ARG A 313 -16.28 36.72 -1.18
CA ARG A 313 -17.44 35.92 -0.80
C ARG A 313 -18.22 35.53 -2.05
N TYR A 314 -18.29 36.48 -3.00
CA TYR A 314 -18.99 36.24 -4.24
C TYR A 314 -18.49 35.00 -4.97
N LEU A 315 -17.20 35.03 -5.27
CA LEU A 315 -16.52 33.91 -5.94
C LEU A 315 -16.65 32.66 -5.09
N MET A 316 -16.72 32.73 -3.76
CA MET A 316 -16.89 31.45 -3.05
C MET A 316 -18.33 31.00 -3.14
N LYS A 317 -19.26 31.94 -3.29
CA LYS A 317 -20.70 31.52 -3.35
C LYS A 317 -21.02 30.89 -4.69
N ASN A 318 -20.37 31.38 -5.76
CA ASN A 318 -20.53 30.88 -7.12
C ASN A 318 -20.05 29.42 -7.16
N LEU A 319 -18.86 29.22 -6.60
CA LEU A 319 -18.29 27.86 -6.55
C LEU A 319 -19.18 26.92 -5.76
N ARG A 320 -19.76 27.42 -4.64
CA ARG A 320 -20.65 26.63 -3.82
C ARG A 320 -21.83 26.03 -4.57
N SER A 321 -22.44 26.78 -5.48
CA SER A 321 -23.58 26.41 -6.30
C SER A 321 -23.21 25.41 -7.39
N ARG A 322 -22.04 25.75 -7.93
CA ARG A 322 -21.40 24.96 -8.99
C ARG A 322 -21.11 23.59 -8.44
N LEU A 323 -20.62 23.47 -7.21
CA LEU A 323 -20.33 22.18 -6.54
C LEU A 323 -21.64 21.48 -6.23
N MET A 324 -22.61 22.26 -5.70
CA MET A 324 -23.95 21.71 -5.34
C MET A 324 -24.71 21.19 -6.56
N ALA A 325 -24.44 21.85 -7.70
CA ALA A 325 -25.09 21.42 -8.92
C ALA A 325 -24.49 20.06 -9.32
N THR A 326 -23.14 20.03 -9.47
CA THR A 326 -22.56 18.74 -9.83
C THR A 326 -22.86 17.68 -8.82
N GLN A 327 -22.91 18.01 -7.51
CA GLN A 327 -23.25 16.93 -6.56
C GLN A 327 -24.59 16.29 -6.96
N ALA A 328 -25.62 17.10 -7.15
CA ALA A 328 -26.98 16.71 -7.51
C ALA A 328 -27.00 15.81 -8.73
N TRP A 329 -26.22 16.27 -9.71
CA TRP A 329 -26.12 15.45 -10.93
C TRP A 329 -25.50 14.12 -10.54
N LEU A 330 -24.32 14.07 -9.86
CA LEU A 330 -23.89 12.67 -9.64
C LEU A 330 -24.80 11.88 -8.76
N GLU A 331 -25.53 12.42 -7.78
CA GLU A 331 -26.39 11.52 -7.00
C GLU A 331 -27.46 10.90 -7.90
N ALA A 332 -27.86 11.53 -8.98
CA ALA A 332 -28.85 10.95 -9.89
C ALA A 332 -28.20 9.80 -10.68
N ARG A 333 -27.07 10.14 -11.32
CA ARG A 333 -26.33 9.12 -12.08
C ARG A 333 -26.07 7.97 -11.12
N LEU A 334 -25.55 8.21 -9.91
CA LEU A 334 -25.34 7.04 -9.06
C LEU A 334 -26.57 6.18 -8.98
N LYS A 335 -27.75 6.78 -8.90
CA LYS A 335 -29.04 6.17 -8.80
C LYS A 335 -29.50 5.46 -10.06
N GLY A 336 -28.86 5.71 -11.20
CA GLY A 336 -29.24 5.06 -12.44
C GLY A 336 -30.12 5.93 -13.31
N GLU A 337 -30.23 7.22 -13.01
CA GLU A 337 -31.08 8.10 -13.83
C GLU A 337 -30.25 8.88 -14.82
N GLU A 338 -30.75 9.02 -16.03
CA GLU A 338 -29.95 9.81 -16.99
C GLU A 338 -30.70 11.13 -17.21
N LEU A 339 -30.01 12.23 -17.04
CA LEU A 339 -30.56 13.57 -17.20
C LEU A 339 -29.39 14.49 -17.55
N PRO A 340 -29.58 15.38 -18.50
CA PRO A 340 -28.54 16.30 -18.92
C PRO A 340 -27.84 16.93 -17.71
N LYS A 341 -26.61 17.34 -17.91
CA LYS A 341 -25.73 17.93 -16.94
C LYS A 341 -25.82 19.43 -16.84
N PRO A 342 -25.91 19.94 -15.62
CA PRO A 342 -26.03 21.35 -15.40
C PRO A 342 -24.92 22.19 -15.95
N GLU A 343 -25.31 23.43 -16.27
CA GLU A 343 -24.35 24.36 -16.83
C GLU A 343 -23.02 24.45 -16.08
N GLY A 344 -23.08 24.39 -14.74
CA GLY A 344 -21.83 24.51 -13.98
C GLY A 344 -21.34 23.17 -13.46
N LEU A 345 -21.37 22.15 -14.30
CA LEU A 345 -20.89 20.84 -13.92
C LEU A 345 -19.36 20.92 -13.83
N LEU A 346 -18.85 20.37 -12.73
CA LEU A 346 -17.41 20.39 -12.48
C LEU A 346 -16.78 19.13 -13.06
N THR A 347 -15.71 19.25 -13.84
CA THR A 347 -15.07 18.07 -14.43
C THR A 347 -13.55 18.12 -14.31
N GLN A 348 -13.01 19.33 -14.20
CA GLN A 348 -11.58 19.53 -14.09
C GLN A 348 -11.14 20.29 -12.86
N ASN A 349 -9.90 20.09 -12.43
CA ASN A 349 -9.41 20.80 -11.26
C ASN A 349 -9.28 22.28 -11.52
N GLU A 350 -9.01 22.68 -12.76
CA GLU A 350 -8.87 24.08 -13.15
C GLU A 350 -10.12 24.90 -12.75
N GLU A 351 -11.28 24.23 -12.80
CA GLU A 351 -12.51 24.88 -12.45
C GLU A 351 -12.55 25.19 -10.96
N LEU A 352 -11.93 24.40 -10.08
CA LEU A 352 -11.89 24.74 -8.66
C LEU A 352 -10.69 25.70 -8.45
N TRP A 353 -9.52 25.40 -8.97
CA TRP A 353 -8.32 26.18 -8.84
C TRP A 353 -8.50 27.66 -9.09
N GLU A 354 -8.88 27.96 -10.34
CA GLU A 354 -9.06 29.32 -10.82
C GLU A 354 -9.64 30.32 -9.85
N PRO A 355 -10.88 30.18 -9.45
CA PRO A 355 -11.47 31.16 -8.53
C PRO A 355 -10.72 31.25 -7.21
N LEU A 356 -10.45 30.07 -6.61
CA LEU A 356 -9.71 30.00 -5.36
C LEU A 356 -8.39 30.75 -5.46
N TYR A 357 -7.67 30.53 -6.57
CA TYR A 357 -6.38 31.19 -6.74
C TYR A 357 -6.57 32.68 -6.89
N ALA A 358 -7.67 33.11 -7.53
CA ALA A 358 -7.88 34.55 -7.67
C ALA A 358 -7.99 35.19 -6.29
N CYS A 359 -8.79 34.62 -5.39
CA CYS A 359 -8.90 35.20 -4.04
C CYS A 359 -7.53 35.29 -3.36
N TYR A 360 -6.77 34.20 -3.37
CA TYR A 360 -5.45 34.20 -2.77
C TYR A 360 -4.63 35.41 -3.20
N GLN A 361 -4.57 35.62 -4.52
CA GLN A 361 -3.80 36.71 -5.14
C GLN A 361 -4.18 38.08 -4.62
N SER A 362 -5.48 38.41 -4.59
CA SER A 362 -5.86 39.72 -4.09
C SER A 362 -5.54 39.87 -2.61
N LEU A 363 -5.91 38.87 -1.81
CA LEU A 363 -5.61 38.90 -0.38
C LEU A 363 -4.13 39.16 -0.23
N GLN A 364 -3.19 38.54 -0.91
CA GLN A 364 -1.77 38.84 -0.77
C GLN A 364 -1.49 40.29 -1.18
N ALA A 365 -1.97 40.67 -2.35
CA ALA A 365 -1.83 41.99 -2.95
C ALA A 365 -2.39 43.10 -2.03
N CYS A 366 -3.59 42.87 -1.48
CA CYS A 366 -4.26 43.81 -0.61
C CYS A 366 -3.83 43.75 0.85
N GLY A 367 -2.73 43.12 1.25
CA GLY A 367 -2.30 43.04 2.64
C GLY A 367 -2.89 41.98 3.52
N MET A 368 -3.64 41.01 2.99
CA MET A 368 -4.23 39.97 3.83
C MET A 368 -3.54 38.63 3.68
N GLY A 369 -2.21 38.69 3.71
CA GLY A 369 -1.39 37.50 3.55
C GLY A 369 -1.76 36.39 4.49
N ILE A 370 -1.75 36.70 5.78
CA ILE A 370 -2.08 35.75 6.82
C ILE A 370 -3.39 35.02 6.60
N ILE A 371 -4.39 35.66 6.04
CA ILE A 371 -5.68 35.02 5.81
C ILE A 371 -5.61 34.12 4.57
N ALA A 372 -4.87 34.60 3.57
CA ALA A 372 -4.69 33.88 2.32
C ALA A 372 -3.95 32.60 2.65
N ASN A 373 -2.86 32.65 3.40
CA ASN A 373 -2.10 31.48 3.72
C ASN A 373 -2.64 30.52 4.75
N GLY A 374 -3.91 30.63 5.07
CA GLY A 374 -4.58 29.83 6.04
C GLY A 374 -5.49 28.85 5.36
N ASP A 375 -6.77 28.79 5.60
CA ASP A 375 -7.62 27.81 4.99
C ASP A 375 -7.73 27.82 3.47
N LEU A 376 -7.45 28.91 2.80
CA LEU A 376 -7.48 29.02 1.35
C LEU A 376 -6.33 28.15 0.78
N LEU A 377 -5.14 28.35 1.32
CA LEU A 377 -3.93 27.63 1.02
C LEU A 377 -4.22 26.12 1.15
N ASP A 378 -4.89 25.77 2.25
CA ASP A 378 -5.20 24.35 2.46
C ASP A 378 -6.12 23.84 1.39
N THR A 379 -7.09 24.62 0.95
CA THR A 379 -8.02 24.12 -0.09
C THR A 379 -7.33 24.10 -1.45
N LEU A 380 -6.48 25.09 -1.70
CA LEU A 380 -5.69 25.24 -2.90
C LEU A 380 -4.87 23.96 -3.13
N ARG A 381 -4.15 23.54 -2.09
CA ARG A 381 -3.28 22.38 -2.13
C ARG A 381 -4.09 21.11 -2.26
N ARG A 382 -5.29 21.12 -1.66
CA ARG A 382 -6.10 19.90 -1.77
C ARG A 382 -6.68 19.74 -3.16
N VAL A 383 -6.92 20.80 -3.88
CA VAL A 383 -7.47 20.74 -5.21
C VAL A 383 -6.47 19.98 -6.12
N LYS A 384 -5.20 20.42 -6.08
CA LYS A 384 -4.19 19.76 -6.86
C LYS A 384 -3.84 18.41 -6.28
N CYS A 385 -3.94 18.21 -4.96
CA CYS A 385 -3.57 16.90 -4.48
C CYS A 385 -4.69 15.90 -4.70
N PHE A 386 -5.93 16.32 -4.46
CA PHE A 386 -7.09 15.42 -4.58
C PHE A 386 -7.97 15.81 -5.75
N GLY A 387 -8.34 17.05 -5.95
CA GLY A 387 -9.21 17.53 -6.98
C GLY A 387 -10.54 16.82 -7.16
N VAL A 388 -11.13 17.18 -8.30
CA VAL A 388 -12.39 16.75 -8.82
C VAL A 388 -12.66 15.28 -8.67
N PRO A 389 -11.77 14.41 -9.07
CA PRO A 389 -11.98 12.99 -8.93
C PRO A 389 -11.72 12.47 -7.53
N LEU A 390 -11.18 13.32 -6.64
CA LEU A 390 -10.82 12.94 -5.30
C LEU A 390 -9.49 12.15 -5.27
N VAL A 391 -9.47 11.04 -5.95
CA VAL A 391 -8.33 10.15 -6.05
C VAL A 391 -8.37 9.51 -7.42
N ARG A 392 -7.42 9.82 -8.30
CA ARG A 392 -7.49 9.22 -9.62
C ARG A 392 -7.37 7.72 -9.48
N ILE A 393 -7.96 6.90 -10.34
CA ILE A 393 -7.80 5.46 -10.21
C ILE A 393 -6.80 5.03 -11.30
N ASP A 394 -6.38 3.79 -11.24
CA ASP A 394 -5.46 3.21 -12.25
C ASP A 394 -6.21 1.96 -12.78
N ILE A 395 -6.13 1.73 -14.09
CA ILE A 395 -6.81 0.48 -14.58
C ILE A 395 -5.72 -0.58 -14.69
N ARG A 396 -5.97 -1.84 -14.41
CA ARG A 396 -4.97 -2.90 -14.54
C ARG A 396 -5.53 -4.21 -15.06
N GLN A 397 -5.06 -4.73 -16.18
CA GLN A 397 -5.59 -5.99 -16.74
C GLN A 397 -4.44 -6.87 -17.21
N GLU A 398 -4.59 -8.21 -17.27
CA GLU A 398 -3.38 -8.93 -17.71
C GLU A 398 -3.21 -8.76 -19.22
N SER A 399 -1.98 -9.00 -19.66
CA SER A 399 -1.62 -8.87 -21.07
C SER A 399 -2.39 -9.91 -21.86
N THR A 400 -2.40 -11.11 -21.31
CA THR A 400 -3.16 -12.21 -21.92
C THR A 400 -4.56 -11.83 -22.32
N ARG A 401 -5.30 -11.09 -21.47
CA ARG A 401 -6.62 -10.71 -21.78
C ARG A 401 -6.69 -9.82 -23.01
N HIS A 402 -5.74 -8.95 -23.24
CA HIS A 402 -5.71 -8.10 -24.41
C HIS A 402 -5.43 -8.92 -25.69
N THR A 403 -4.55 -9.93 -25.59
CA THR A 403 -4.24 -10.78 -26.70
C THR A 403 -5.50 -11.54 -27.11
N GLU A 404 -6.27 -12.08 -26.15
CA GLU A 404 -7.49 -12.79 -26.52
C GLU A 404 -8.50 -11.88 -27.19
N ALA A 405 -8.75 -10.68 -26.65
CA ALA A 405 -9.72 -9.76 -27.23
C ALA A 405 -9.31 -9.44 -28.67
N LEU A 406 -8.02 -9.11 -28.81
CA LEU A 406 -7.56 -8.79 -30.18
C LEU A 406 -7.47 -10.02 -31.07
N GLY A 407 -7.43 -11.24 -30.55
CA GLY A 407 -7.38 -12.42 -31.35
C GLY A 407 -8.84 -12.59 -31.85
N GLU A 408 -9.83 -12.73 -30.96
CA GLU A 408 -11.23 -12.85 -31.34
C GLU A 408 -11.64 -11.81 -32.38
N LEU A 409 -11.23 -10.56 -32.28
CA LEU A 409 -11.50 -9.48 -33.20
C LEU A 409 -10.97 -9.87 -34.58
N THR A 410 -9.66 -10.08 -34.71
CA THR A 410 -9.05 -10.47 -35.96
C THR A 410 -9.71 -11.67 -36.60
N ARG A 411 -10.01 -12.76 -35.92
CA ARG A 411 -10.65 -13.89 -36.55
C ARG A 411 -12.03 -13.42 -37.04
N TYR A 412 -12.78 -12.62 -36.32
CA TYR A 412 -14.09 -12.22 -36.83
C TYR A 412 -14.01 -11.44 -38.13
N LEU A 413 -13.02 -10.61 -38.35
CA LEU A 413 -12.85 -9.80 -39.52
C LEU A 413 -12.26 -10.58 -40.68
N GLY A 414 -11.85 -11.81 -40.43
CA GLY A 414 -11.22 -12.68 -41.41
C GLY A 414 -9.80 -12.32 -41.78
N ILE A 415 -9.16 -11.48 -41.00
CA ILE A 415 -7.82 -11.02 -41.20
C ILE A 415 -6.77 -12.07 -40.84
N GLY A 416 -7.04 -12.89 -39.85
CA GLY A 416 -6.10 -13.92 -39.43
C GLY A 416 -6.36 -14.19 -37.94
N ASP A 417 -5.39 -14.71 -37.23
CA ASP A 417 -5.55 -14.97 -35.81
C ASP A 417 -4.38 -14.39 -35.04
N TYR A 418 -4.44 -13.18 -34.53
CA TYR A 418 -3.40 -12.52 -33.78
C TYR A 418 -2.69 -13.40 -32.78
N GLU A 419 -3.37 -14.26 -32.02
CA GLU A 419 -2.59 -15.05 -31.04
C GLU A 419 -1.84 -16.23 -31.60
N SER A 420 -1.44 -16.16 -32.85
CA SER A 420 -0.71 -17.24 -33.49
C SER A 420 0.49 -16.60 -34.22
N TRP A 421 0.28 -15.34 -34.56
CA TRP A 421 1.30 -14.66 -35.24
C TRP A 421 2.51 -14.48 -34.27
N SER A 422 3.68 -14.59 -34.86
CA SER A 422 4.93 -14.35 -34.19
C SER A 422 4.83 -12.89 -33.73
N GLU A 423 5.69 -12.47 -32.89
CA GLU A 423 5.84 -11.15 -32.35
C GLU A 423 6.17 -10.12 -33.40
N ALA A 424 6.91 -10.37 -34.47
CA ALA A 424 7.22 -9.33 -35.46
C ALA A 424 6.01 -8.96 -36.29
N ASP A 425 5.14 -9.92 -36.53
CA ASP A 425 3.87 -9.83 -37.23
C ASP A 425 2.89 -9.06 -36.35
N LYS A 426 2.89 -9.41 -35.01
CA LYS A 426 1.97 -8.66 -34.14
C LYS A 426 2.30 -7.18 -34.15
N GLN A 427 3.61 -6.87 -34.08
CA GLN A 427 3.95 -5.44 -34.10
C GLN A 427 3.60 -4.81 -35.45
N ALA A 428 3.79 -5.62 -36.50
CA ALA A 428 3.50 -5.13 -37.85
C ALA A 428 2.02 -4.73 -37.94
N PHE A 429 1.20 -5.69 -37.54
CA PHE A 429 -0.26 -5.49 -37.53
C PHE A 429 -0.62 -4.31 -36.63
N LEU A 430 -0.09 -4.28 -35.41
CA LEU A 430 -0.36 -3.19 -34.50
C LEU A 430 0.11 -1.85 -35.03
N ILE A 431 1.31 -1.73 -35.60
CA ILE A 431 1.70 -0.38 -36.08
C ILE A 431 0.86 0.04 -37.27
N ARG A 432 0.49 -0.89 -38.13
CA ARG A 432 -0.34 -0.57 -39.30
C ARG A 432 -1.66 0.03 -38.80
N GLU A 433 -2.40 -0.68 -37.98
CA GLU A 433 -3.68 -0.22 -37.41
C GLU A 433 -3.58 1.01 -36.52
N LEU A 434 -2.57 1.16 -35.68
CA LEU A 434 -2.36 2.33 -34.89
C LEU A 434 -2.23 3.52 -35.83
N ASN A 435 -1.70 3.39 -37.04
CA ASN A 435 -1.59 4.53 -37.96
C ASN A 435 -2.81 4.70 -38.88
N SER A 436 -3.65 3.67 -38.98
CA SER A 436 -4.81 3.64 -39.80
C SER A 436 -5.87 4.64 -39.40
N LYS A 437 -6.52 5.19 -40.42
CA LYS A 437 -7.60 6.14 -40.24
C LYS A 437 -8.96 5.44 -40.34
N ARG A 438 -9.02 4.20 -40.76
CA ARG A 438 -10.33 3.56 -40.85
C ARG A 438 -10.42 2.69 -39.59
N PRO A 439 -11.59 2.71 -38.96
CA PRO A 439 -11.83 1.98 -37.75
C PRO A 439 -11.63 0.49 -37.90
N LEU A 440 -11.68 -0.25 -36.82
CA LEU A 440 -11.49 -1.70 -36.91
C LEU A 440 -12.55 -2.44 -36.11
N LEU A 441 -12.98 -1.78 -35.07
CA LEU A 441 -13.98 -2.41 -34.18
C LEU A 441 -15.33 -2.36 -34.86
N PRO A 442 -15.88 -3.53 -35.08
CA PRO A 442 -17.19 -3.64 -35.74
C PRO A 442 -18.22 -2.93 -34.88
N ARG A 443 -19.01 -2.09 -35.51
CA ARG A 443 -20.04 -1.29 -34.87
C ARG A 443 -21.04 -2.04 -34.01
N ASN A 444 -21.63 -3.12 -34.49
CA ASN A 444 -22.57 -3.89 -33.66
C ASN A 444 -22.11 -5.35 -33.76
N TRP A 445 -21.21 -5.63 -32.83
CA TRP A 445 -20.53 -6.93 -32.72
C TRP A 445 -21.06 -7.70 -31.54
N GLN A 446 -20.80 -8.98 -31.50
CA GLN A 446 -21.19 -9.98 -30.55
C GLN A 446 -20.07 -10.76 -29.91
N PRO A 447 -19.07 -10.16 -29.30
CA PRO A 447 -17.96 -10.90 -28.75
C PRO A 447 -18.35 -11.76 -27.58
N SER A 448 -17.42 -12.39 -26.93
CA SER A 448 -17.63 -13.26 -25.79
C SER A 448 -17.60 -12.38 -24.56
N ALA A 449 -18.06 -12.95 -23.44
CA ALA A 449 -18.06 -12.08 -22.24
C ALA A 449 -16.71 -11.43 -22.01
N GLU A 450 -15.66 -12.22 -21.90
CA GLU A 450 -14.31 -11.72 -21.62
C GLU A 450 -13.94 -10.58 -22.53
N THR A 451 -13.93 -10.81 -23.83
CA THR A 451 -13.57 -9.74 -24.78
C THR A 451 -14.36 -8.49 -24.61
N ARG A 452 -15.67 -8.58 -24.44
CA ARG A 452 -16.55 -7.44 -24.24
C ARG A 452 -16.10 -6.62 -23.02
N GLU A 453 -15.74 -7.36 -21.93
CA GLU A 453 -15.22 -6.66 -20.77
C GLU A 453 -13.98 -5.88 -21.16
N VAL A 454 -13.01 -6.54 -21.82
CA VAL A 454 -11.83 -5.71 -22.21
C VAL A 454 -12.27 -4.49 -23.01
N LEU A 455 -13.12 -4.72 -24.01
CA LEU A 455 -13.62 -3.58 -24.81
C LEU A 455 -14.40 -2.55 -24.04
N ASP A 456 -15.31 -2.96 -23.16
CA ASP A 456 -16.09 -1.94 -22.38
C ASP A 456 -15.24 -1.11 -21.46
N THR A 457 -14.27 -1.73 -20.73
CA THR A 457 -13.39 -0.98 -19.87
C THR A 457 -12.70 0.13 -20.60
N CYS A 458 -12.16 -0.07 -21.80
CA CYS A 458 -11.50 1.04 -22.50
C CYS A 458 -12.51 2.12 -22.81
N GLN A 459 -13.79 1.73 -23.01
CA GLN A 459 -14.83 2.72 -23.29
C GLN A 459 -15.06 3.55 -22.04
N VAL A 460 -15.01 2.95 -20.84
CA VAL A 460 -15.12 3.77 -19.64
C VAL A 460 -13.94 4.73 -19.62
N ILE A 461 -12.73 4.19 -19.70
CA ILE A 461 -11.54 5.12 -19.70
C ILE A 461 -11.83 6.28 -20.64
N ALA A 462 -12.11 5.94 -21.92
CA ALA A 462 -12.37 6.97 -22.90
C ALA A 462 -13.51 7.90 -22.57
N GLU A 463 -14.57 7.39 -22.01
CA GLU A 463 -15.76 8.14 -21.61
C GLU A 463 -15.53 9.07 -20.44
N ALA A 464 -14.63 8.74 -19.51
CA ALA A 464 -14.30 9.48 -18.33
C ALA A 464 -13.53 10.75 -18.58
N PRO A 465 -13.78 11.78 -17.77
CA PRO A 465 -13.07 13.04 -17.95
C PRO A 465 -11.58 12.82 -17.77
N GLN A 466 -10.82 13.55 -18.58
CA GLN A 466 -9.39 13.50 -18.58
C GLN A 466 -8.88 13.89 -17.19
N GLY A 467 -8.01 13.07 -16.62
CA GLY A 467 -7.44 13.29 -15.29
C GLY A 467 -8.16 12.45 -14.22
N SER A 468 -9.04 11.52 -14.55
CA SER A 468 -9.73 10.69 -13.64
C SER A 468 -8.91 9.38 -13.46
N ILE A 469 -8.31 9.01 -14.60
CA ILE A 469 -7.53 7.78 -14.75
C ILE A 469 -6.08 8.15 -14.84
N ALA A 470 -5.26 7.62 -13.95
CA ALA A 470 -3.85 7.95 -13.94
C ALA A 470 -3.07 7.11 -14.92
N ALA A 471 -3.31 5.79 -15.03
CA ALA A 471 -2.50 5.01 -15.97
C ALA A 471 -3.13 3.69 -16.29
N TYR A 472 -2.73 3.03 -17.36
CA TYR A 472 -3.27 1.68 -17.66
C TYR A 472 -2.04 0.77 -17.34
N VAL A 473 -2.13 -0.13 -16.40
CA VAL A 473 -1.06 -1.01 -16.03
C VAL A 473 -1.24 -2.35 -16.69
N ILE A 474 -0.21 -2.95 -17.26
CA ILE A 474 -0.38 -4.23 -17.95
C ILE A 474 0.35 -5.32 -17.16
N SER A 475 -0.34 -6.01 -16.29
CA SER A 475 0.35 -7.05 -15.51
C SER A 475 0.75 -8.12 -16.52
N MET A 476 1.81 -8.87 -16.25
CA MET A 476 2.36 -9.89 -17.11
C MET A 476 2.85 -9.42 -18.49
N ALA A 477 3.36 -8.20 -18.58
CA ALA A 477 3.85 -7.74 -19.85
C ALA A 477 5.17 -8.50 -20.22
N LYS A 478 5.19 -9.15 -21.38
CA LYS A 478 6.41 -9.84 -21.77
C LYS A 478 7.04 -9.29 -23.01
N THR A 479 6.40 -8.65 -23.96
CA THR A 479 7.04 -8.23 -25.24
C THR A 479 6.59 -6.87 -25.66
N PRO A 480 7.15 -6.26 -26.68
CA PRO A 480 6.70 -4.93 -27.12
C PRO A 480 5.28 -4.92 -27.62
N SER A 481 4.77 -6.00 -28.19
CA SER A 481 3.38 -6.01 -28.67
C SER A 481 2.43 -5.90 -27.48
N ASP A 482 2.82 -6.31 -26.25
CA ASP A 482 1.95 -6.21 -25.11
C ASP A 482 1.57 -4.75 -24.85
N VAL A 483 2.53 -3.88 -24.99
CA VAL A 483 2.22 -2.46 -24.70
C VAL A 483 1.45 -1.89 -25.87
N LEU A 484 1.89 -2.25 -27.09
CA LEU A 484 1.25 -1.70 -28.31
C LEU A 484 -0.19 -2.15 -28.38
N ALA A 485 -0.47 -3.34 -27.86
CA ALA A 485 -1.85 -3.84 -27.87
C ALA A 485 -2.81 -2.89 -27.16
N VAL A 486 -2.47 -2.42 -25.93
CA VAL A 486 -3.42 -1.54 -25.27
C VAL A 486 -3.52 -0.22 -25.97
N HIS A 487 -2.48 0.30 -26.56
CA HIS A 487 -2.62 1.58 -27.29
C HIS A 487 -3.59 1.39 -28.48
N LEU A 488 -3.62 0.23 -29.13
CA LEU A 488 -4.56 -0.02 -30.21
C LEU A 488 -5.98 -0.01 -29.68
N LEU A 489 -6.29 -0.82 -28.66
CA LEU A 489 -7.62 -0.88 -28.05
C LEU A 489 -8.09 0.51 -27.58
N LEU A 490 -7.23 1.26 -26.85
CA LEU A 490 -7.62 2.57 -26.42
C LEU A 490 -7.94 3.43 -27.63
N LYS A 491 -7.20 3.29 -28.75
CA LYS A 491 -7.43 4.09 -29.93
C LYS A 491 -8.83 3.78 -30.50
N GLU A 492 -9.17 2.51 -30.55
CA GLU A 492 -10.40 2.00 -31.00
C GLU A 492 -11.51 2.46 -30.07
N ALA A 493 -11.20 2.63 -28.76
CA ALA A 493 -12.23 3.05 -27.81
C ALA A 493 -12.55 4.55 -27.95
N GLY A 494 -11.83 5.31 -28.71
CA GLY A 494 -11.97 6.71 -28.97
C GLY A 494 -11.36 7.44 -27.79
N ILE A 495 -10.11 7.86 -27.76
CA ILE A 495 -9.58 8.53 -26.55
C ILE A 495 -8.88 9.73 -27.10
N GLY A 496 -9.06 10.89 -26.48
CA GLY A 496 -8.44 12.06 -27.08
C GLY A 496 -7.14 12.50 -26.53
N PHE A 497 -6.71 11.90 -25.45
CA PHE A 497 -5.44 12.32 -24.83
C PHE A 497 -4.51 11.11 -24.80
N ALA A 498 -3.27 11.39 -24.41
CA ALA A 498 -2.27 10.35 -24.31
C ALA A 498 -2.27 9.70 -22.92
N MET A 499 -2.75 8.46 -22.89
CA MET A 499 -2.82 7.67 -21.66
C MET A 499 -1.53 6.92 -21.39
N PRO A 500 -0.88 7.13 -20.26
CA PRO A 500 0.34 6.48 -19.86
C PRO A 500 0.16 4.98 -19.77
N VAL A 501 0.79 4.13 -20.57
CA VAL A 501 0.60 2.66 -20.45
C VAL A 501 1.86 2.13 -19.79
N ALA A 502 1.75 1.19 -18.88
CA ALA A 502 2.96 0.73 -18.21
C ALA A 502 3.01 -0.75 -18.15
N PRO A 503 4.12 -1.30 -18.63
CA PRO A 503 4.25 -2.75 -18.61
C PRO A 503 4.57 -3.07 -17.12
N LEU A 504 4.07 -4.19 -16.66
CA LEU A 504 4.41 -4.64 -15.34
C LEU A 504 5.22 -5.95 -15.55
N PHE A 505 6.54 -5.85 -15.33
CA PHE A 505 7.40 -7.05 -15.40
C PHE A 505 7.41 -7.71 -14.01
N GLU A 506 6.90 -8.91 -13.85
CA GLU A 506 6.80 -9.56 -12.58
C GLU A 506 7.19 -11.04 -12.53
N THR A 507 8.29 -11.29 -13.21
CA THR A 507 8.89 -12.67 -13.28
C THR A 507 10.35 -12.45 -13.44
N LEU A 508 11.19 -13.41 -13.03
CA LEU A 508 12.65 -13.22 -13.21
C LEU A 508 12.97 -12.99 -14.69
N ASP A 509 12.59 -13.86 -15.64
CA ASP A 509 12.89 -13.61 -17.05
C ASP A 509 12.34 -12.31 -17.60
N ASP A 510 11.08 -12.00 -17.23
CA ASP A 510 10.54 -10.72 -17.75
C ASP A 510 11.42 -9.63 -17.19
N LEU A 511 11.78 -9.70 -15.88
CA LEU A 511 12.68 -8.63 -15.37
C LEU A 511 13.96 -8.62 -16.18
N ASN A 512 14.52 -9.83 -16.37
CA ASN A 512 15.72 -10.00 -17.17
C ASN A 512 15.57 -9.43 -18.57
N ASN A 513 14.40 -9.65 -19.19
CA ASN A 513 14.20 -9.16 -20.54
C ASN A 513 13.69 -7.73 -20.63
N ALA A 514 13.29 -7.17 -19.52
CA ALA A 514 12.72 -5.82 -19.49
C ALA A 514 13.45 -4.78 -20.30
N ASN A 515 14.74 -4.70 -20.11
CA ASN A 515 15.49 -3.66 -20.85
C ASN A 515 15.40 -3.85 -22.36
N ASP A 516 15.51 -5.15 -22.77
CA ASP A 516 15.45 -5.47 -24.19
C ASP A 516 14.10 -5.08 -24.71
N VAL A 517 13.04 -5.44 -23.96
CA VAL A 517 11.69 -5.07 -24.34
C VAL A 517 11.60 -3.56 -24.48
N MET A 518 12.13 -2.73 -23.61
CA MET A 518 11.92 -1.28 -23.83
C MET A 518 12.80 -0.63 -24.84
N THR A 519 13.98 -1.24 -25.17
CA THR A 519 14.81 -0.54 -26.15
C THR A 519 14.20 -0.74 -27.51
N GLN A 520 13.57 -1.90 -27.71
CA GLN A 520 12.89 -2.15 -28.99
C GLN A 520 11.75 -1.15 -29.04
N LEU A 521 10.91 -1.10 -28.00
CA LEU A 521 9.79 -0.15 -28.00
C LEU A 521 10.29 1.25 -28.26
N LEU A 522 11.35 1.72 -27.62
CA LEU A 522 11.77 3.11 -27.96
C LEU A 522 12.40 3.23 -29.32
N ASN A 523 12.79 2.14 -29.98
CA ASN A 523 13.35 2.26 -31.31
C ASN A 523 12.25 2.41 -32.36
N ILE A 524 10.98 2.14 -32.03
CA ILE A 524 9.86 2.29 -32.95
C ILE A 524 9.54 3.78 -32.99
N ASP A 525 9.84 4.52 -34.06
CA ASP A 525 9.58 5.94 -34.11
C ASP A 525 8.17 6.35 -33.73
N TRP A 526 7.16 5.58 -34.09
CA TRP A 526 5.80 5.88 -33.77
C TRP A 526 5.55 5.90 -32.26
N TYR A 527 6.09 4.91 -31.54
CA TYR A 527 5.94 4.82 -30.10
C TYR A 527 6.57 5.99 -29.37
N ARG A 528 7.78 6.30 -29.82
CA ARG A 528 8.58 7.35 -29.21
C ARG A 528 7.87 8.67 -29.25
N GLY A 529 7.20 9.01 -30.34
CA GLY A 529 6.48 10.28 -30.37
C GLY A 529 5.14 10.22 -29.70
N LEU A 530 4.57 9.08 -29.42
CA LEU A 530 3.29 8.97 -28.76
C LEU A 530 3.41 9.18 -27.25
N ILE A 531 4.49 8.76 -26.61
CA ILE A 531 4.64 8.89 -25.17
C ILE A 531 5.12 10.24 -24.69
N GLN A 532 5.42 11.14 -25.58
CA GLN A 532 5.87 12.48 -25.34
C GLN A 532 6.94 12.67 -24.30
N GLY A 533 8.06 11.97 -24.40
CA GLY A 533 9.22 12.01 -23.53
C GLY A 533 9.00 11.38 -22.20
N LYS A 534 8.04 10.47 -22.03
CA LYS A 534 7.82 9.88 -20.72
C LYS A 534 7.33 8.43 -20.78
N GLN A 535 7.94 7.55 -20.00
CA GLN A 535 7.56 6.17 -19.92
C GLN A 535 7.42 5.81 -18.41
N MET A 536 6.60 4.84 -18.06
CA MET A 536 6.50 4.50 -16.68
C MET A 536 6.56 2.98 -16.62
N VAL A 537 7.50 2.37 -15.97
CA VAL A 537 7.59 0.90 -15.92
C VAL A 537 7.14 0.48 -14.53
N MET A 538 6.71 -0.75 -14.34
CA MET A 538 6.30 -1.22 -13.04
C MET A 538 7.15 -2.46 -12.78
N ILE A 539 7.74 -2.53 -11.59
CA ILE A 539 8.64 -3.63 -11.22
C ILE A 539 7.90 -4.56 -10.31
N GLY A 540 7.64 -5.79 -10.63
CA GLY A 540 6.90 -6.67 -9.75
C GLY A 540 7.75 -7.44 -8.79
N TYR A 541 8.28 -6.78 -7.77
CA TYR A 541 9.13 -7.47 -6.81
C TYR A 541 8.49 -8.69 -6.22
N SER A 542 7.36 -8.51 -5.57
CA SER A 542 6.62 -9.58 -4.95
C SER A 542 6.29 -10.75 -5.83
N ASP A 543 6.05 -10.54 -7.10
CA ASP A 543 5.67 -11.74 -7.91
C ASP A 543 6.95 -12.42 -8.36
N SER A 544 7.98 -11.60 -8.74
CA SER A 544 9.23 -12.25 -9.15
C SER A 544 9.75 -13.09 -7.96
N ALA A 545 9.67 -12.54 -6.74
CA ALA A 545 10.10 -13.32 -5.60
C ALA A 545 9.31 -14.60 -5.44
N LYS A 546 8.05 -14.65 -5.89
CA LYS A 546 7.27 -15.89 -5.80
C LYS A 546 7.86 -16.87 -6.81
N ASP A 547 8.28 -16.28 -7.93
CA ASP A 547 8.90 -17.03 -9.02
C ASP A 547 10.23 -17.66 -8.66
N ALA A 548 11.25 -16.84 -8.39
CA ALA A 548 12.60 -17.19 -8.07
C ALA A 548 13.12 -17.04 -6.66
N GLY A 549 12.36 -16.57 -5.67
CA GLY A 549 12.89 -16.41 -4.29
C GLY A 549 13.29 -14.96 -4.12
N VAL A 550 13.43 -14.44 -2.88
CA VAL A 550 13.80 -13.05 -2.74
C VAL A 550 15.16 -12.59 -3.14
N MET A 551 16.25 -13.38 -3.08
CA MET A 551 17.56 -12.82 -3.47
C MET A 551 17.66 -12.54 -4.96
N ALA A 552 17.32 -13.48 -5.80
CA ALA A 552 17.37 -13.46 -7.26
C ALA A 552 16.43 -12.35 -7.73
N ALA A 553 15.21 -12.39 -7.15
CA ALA A 553 14.29 -11.31 -7.50
C ALA A 553 14.92 -9.96 -7.19
N SER A 554 15.42 -9.75 -5.97
CA SER A 554 15.98 -8.43 -5.68
C SER A 554 17.11 -8.07 -6.62
N TRP A 555 18.03 -9.04 -6.92
CA TRP A 555 19.15 -8.61 -7.80
C TRP A 555 18.66 -8.39 -9.20
N ALA A 556 17.73 -9.21 -9.63
CA ALA A 556 17.11 -9.04 -10.94
C ALA A 556 16.49 -7.67 -11.00
N GLN A 557 15.76 -7.31 -9.90
CA GLN A 557 15.17 -5.95 -10.04
C GLN A 557 16.27 -4.94 -10.02
N TYR A 558 17.35 -5.12 -9.24
CA TYR A 558 18.39 -4.11 -9.21
C TYR A 558 18.94 -3.80 -10.59
N GLN A 559 19.28 -4.85 -11.36
CA GLN A 559 19.81 -4.77 -12.69
C GLN A 559 18.82 -4.20 -13.65
N ALA A 560 17.57 -4.67 -13.65
CA ALA A 560 16.61 -4.07 -14.63
C ALA A 560 16.45 -2.61 -14.40
N GLN A 561 16.35 -2.08 -13.14
CA GLN A 561 16.18 -0.61 -13.13
C GLN A 561 17.36 0.16 -13.66
N ASP A 562 18.56 -0.37 -13.38
CA ASP A 562 19.79 0.34 -13.78
C ASP A 562 19.83 0.35 -15.29
N ALA A 563 19.51 -0.80 -15.92
CA ALA A 563 19.51 -0.86 -17.41
C ALA A 563 18.46 0.13 -17.94
N LEU A 564 17.21 0.04 -17.38
CA LEU A 564 16.23 1.01 -17.90
C LEU A 564 16.58 2.46 -17.70
N ILE A 565 17.13 2.82 -16.54
CA ILE A 565 17.47 4.23 -16.25
C ILE A 565 18.41 4.73 -17.34
N LYS A 566 19.45 3.96 -17.57
CA LYS A 566 20.46 4.26 -18.59
C LYS A 566 19.83 4.29 -19.97
N THR A 567 19.04 3.25 -20.35
CA THR A 567 18.40 3.31 -21.68
C THR A 567 17.61 4.59 -21.91
N CYS A 568 16.64 4.90 -21.03
CA CYS A 568 15.85 6.12 -21.18
C CYS A 568 16.69 7.37 -21.17
N GLU A 569 17.78 7.35 -20.38
CA GLU A 569 18.62 8.58 -20.36
C GLU A 569 19.22 8.78 -21.74
N LYS A 570 19.73 7.66 -22.33
CA LYS A 570 20.32 7.83 -23.69
C LYS A 570 19.23 8.41 -24.58
N ALA A 571 18.09 7.79 -24.67
CA ALA A 571 16.94 8.22 -25.47
C ALA A 571 16.23 9.46 -25.03
N GLY A 572 16.60 10.17 -23.94
CA GLY A 572 15.88 11.37 -23.58
C GLY A 572 14.49 11.22 -23.03
N ILE A 573 14.12 10.05 -22.49
CA ILE A 573 12.78 9.86 -21.93
C ILE A 573 12.82 9.98 -20.42
N GLU A 574 11.86 10.67 -19.81
CA GLU A 574 11.83 10.76 -18.36
C GLU A 574 11.27 9.47 -17.81
N LEU A 575 12.09 8.57 -17.32
CA LEU A 575 11.54 7.31 -16.82
C LEU A 575 10.87 7.43 -15.49
N THR A 576 9.80 6.72 -15.19
CA THR A 576 9.20 6.81 -13.84
C THR A 576 9.10 5.34 -13.38
N LEU A 577 9.75 4.98 -12.27
CA LEU A 577 9.63 3.57 -11.89
C LEU A 577 8.42 3.48 -11.00
N PHE A 578 7.48 2.62 -11.31
CA PHE A 578 6.29 2.45 -10.50
C PHE A 578 6.61 1.24 -9.59
N HIS A 579 6.57 1.48 -8.28
CA HIS A 579 6.89 0.39 -7.38
C HIS A 579 5.66 -0.34 -6.91
N GLY A 580 5.80 -1.62 -6.66
CA GLY A 580 4.71 -2.45 -6.25
C GLY A 580 4.80 -2.60 -4.72
N ARG A 581 4.19 -3.61 -4.24
CA ARG A 581 3.92 -4.20 -3.03
C ARG A 581 5.00 -4.87 -2.25
N GLY A 582 5.20 -4.41 -1.02
CA GLY A 582 6.15 -4.99 -0.13
C GLY A 582 7.57 -4.73 -0.55
N GLY A 583 8.44 -5.70 -0.23
CA GLY A 583 9.88 -5.40 -0.59
C GLY A 583 10.33 -4.41 0.49
N SER A 584 11.60 -4.03 0.46
CA SER A 584 12.11 -3.09 1.45
C SER A 584 11.62 -1.68 1.24
N ILE A 585 11.06 -1.32 0.09
CA ILE A 585 10.56 0.03 -0.19
C ILE A 585 9.21 0.17 0.48
N GLY A 586 8.54 -0.93 0.76
CA GLY A 586 7.26 -0.80 1.42
C GLY A 586 7.34 -1.08 2.93
N ARG A 587 8.49 -0.89 3.58
CA ARG A 587 8.58 -1.20 4.99
C ARG A 587 8.05 -0.04 5.85
N GLY A 588 7.99 1.14 5.28
CA GLY A 588 7.51 2.32 5.97
C GLY A 588 8.63 2.84 6.86
N GLY A 589 8.54 4.06 7.38
CA GLY A 589 9.58 4.56 8.25
C GLY A 589 10.99 4.65 7.79
N ALA A 590 11.91 4.47 8.75
CA ALA A 590 13.35 4.64 8.43
C ALA A 590 13.87 3.60 7.47
N PRO A 591 13.53 2.34 7.59
CA PRO A 591 13.98 1.32 6.67
C PRO A 591 13.61 1.73 5.23
N ALA A 592 12.40 2.27 5.07
CA ALA A 592 11.92 2.70 3.79
C ALA A 592 12.86 3.77 3.26
N HIS A 593 13.13 4.78 4.01
CA HIS A 593 14.06 5.86 3.63
C HIS A 593 15.39 5.24 3.28
N ALA A 594 15.86 4.29 4.13
CA ALA A 594 17.16 3.65 3.72
C ALA A 594 16.92 3.00 2.34
N ALA A 595 15.82 2.25 2.20
CA ALA A 595 15.55 1.54 0.99
C ALA A 595 15.50 2.34 -0.29
N LEU A 596 14.85 3.48 -0.27
CA LEU A 596 14.73 4.30 -1.46
C LEU A 596 16.12 4.75 -1.86
N LEU A 597 16.97 5.10 -0.89
CA LEU A 597 18.30 5.55 -1.18
C LEU A 597 19.18 4.41 -1.70
N SER A 598 18.81 3.17 -1.51
CA SER A 598 19.61 2.08 -1.95
C SER A 598 19.27 1.59 -3.33
N GLN A 599 18.66 2.42 -4.16
CA GLN A 599 18.30 2.02 -5.51
C GLN A 599 19.33 2.55 -6.52
N PRO A 600 19.37 1.92 -7.68
CA PRO A 600 20.34 2.37 -8.68
C PRO A 600 20.25 3.87 -8.85
N PRO A 601 21.39 4.51 -9.01
CA PRO A 601 21.42 5.96 -9.24
C PRO A 601 20.46 6.27 -10.35
N GLY A 602 19.81 7.44 -10.34
CA GLY A 602 18.82 7.77 -11.38
C GLY A 602 17.41 7.35 -10.96
N SER A 603 17.19 6.22 -10.27
CA SER A 603 15.96 5.69 -9.82
C SER A 603 14.82 6.58 -9.43
N LEU A 604 15.01 7.72 -8.84
CA LEU A 604 13.91 8.55 -8.41
C LEU A 604 13.93 9.89 -9.08
N LYS A 605 14.67 9.91 -10.19
CA LYS A 605 14.80 11.17 -10.92
C LYS A 605 13.43 11.52 -11.46
N GLY A 606 12.62 10.54 -11.82
CA GLY A 606 11.31 10.81 -12.37
C GLY A 606 10.20 10.56 -11.37
N GLY A 607 10.52 10.66 -10.08
CA GLY A 607 9.63 10.52 -9.01
C GLY A 607 9.36 9.24 -8.31
N LEU A 608 8.63 9.46 -7.15
CA LEU A 608 8.30 8.30 -6.33
C LEU A 608 6.84 7.93 -6.58
N ARG A 609 6.58 6.73 -7.02
CA ARG A 609 5.24 6.21 -7.29
C ARG A 609 5.33 4.80 -6.72
N VAL A 610 4.52 4.53 -5.67
CA VAL A 610 4.49 3.31 -5.00
C VAL A 610 3.05 2.84 -4.70
N THR A 611 2.97 1.56 -4.50
CA THR A 611 1.76 0.81 -4.22
C THR A 611 1.77 0.53 -2.74
N GLU A 612 1.10 1.40 -1.99
CA GLU A 612 1.04 1.23 -0.54
C GLU A 612 0.12 0.05 -0.28
N GLN A 613 0.63 -0.98 0.37
CA GLN A 613 -0.11 -2.18 0.71
C GLN A 613 -1.26 -1.83 1.63
N GLY A 614 -2.38 -2.50 1.43
CA GLY A 614 -3.61 -2.36 2.11
C GLY A 614 -3.53 -2.51 3.64
N GLU A 615 -2.94 -3.62 4.08
CA GLU A 615 -2.74 -3.92 5.46
C GLU A 615 -1.75 -2.92 6.10
N MET A 616 -1.04 -2.06 5.47
CA MET A 616 -0.13 -1.12 6.10
C MET A 616 -0.68 0.29 6.13
N ILE A 617 -1.85 0.54 5.54
CA ILE A 617 -2.38 1.91 5.54
C ILE A 617 -2.54 2.55 6.90
N ARG A 618 -3.10 1.87 7.91
CA ARG A 618 -3.31 2.35 9.24
C ARG A 618 -1.96 2.78 9.80
N PHE A 619 -0.95 1.91 9.53
CA PHE A 619 0.39 2.21 10.04
C PHE A 619 1.12 3.25 9.28
N LYS A 620 0.86 3.66 8.06
CA LYS A 620 1.57 4.72 7.37
C LYS A 620 0.73 5.99 7.20
N TYR A 621 -0.59 5.93 7.06
CA TYR A 621 -1.51 7.02 6.87
C TYR A 621 -2.70 6.96 7.85
N GLY A 622 -2.70 6.11 8.86
CA GLY A 622 -3.81 6.00 9.81
C GLY A 622 -4.34 7.20 10.56
N LEU A 623 -3.53 8.19 10.86
CA LEU A 623 -3.88 9.40 11.53
C LEU A 623 -3.17 10.50 10.70
N PRO A 624 -3.63 11.72 10.77
CA PRO A 624 -3.03 12.81 10.05
C PRO A 624 -1.57 13.02 10.39
N GLU A 625 -1.16 12.84 11.62
CA GLU A 625 0.25 13.02 12.04
C GLU A 625 1.06 11.89 11.46
N ILE A 626 0.51 10.65 11.41
CA ILE A 626 1.33 9.60 10.75
C ILE A 626 1.52 9.97 9.26
N THR A 627 0.44 10.46 8.62
CA THR A 627 0.62 10.88 7.21
C THR A 627 1.75 11.88 7.08
N VAL A 628 1.86 12.88 7.95
CA VAL A 628 2.96 13.86 7.85
C VAL A 628 4.29 13.16 8.00
N SER A 629 4.35 12.18 8.92
CA SER A 629 5.62 11.47 9.08
C SER A 629 5.99 10.76 7.77
N SER A 630 5.08 9.93 7.29
CA SER A 630 5.25 9.17 6.08
C SER A 630 5.63 10.02 4.91
N LEU A 631 4.92 11.10 4.61
CA LEU A 631 5.27 11.93 3.46
C LEU A 631 6.59 12.62 3.64
N SER A 632 6.89 13.05 4.85
CA SER A 632 8.15 13.74 5.17
C SER A 632 9.31 12.75 4.97
N LEU A 633 9.18 11.53 5.46
CA LEU A 633 10.25 10.53 5.28
C LEU A 633 10.50 10.35 3.80
N TYR A 634 9.44 10.05 3.06
CA TYR A 634 9.56 9.88 1.60
C TYR A 634 10.25 11.11 0.99
N THR A 635 9.80 12.30 1.33
CA THR A 635 10.37 13.50 0.74
C THR A 635 11.85 13.61 0.94
N GLY A 636 12.42 13.32 2.12
CA GLY A 636 13.87 13.45 2.30
C GLY A 636 14.62 12.45 1.41
N ALA A 637 14.13 11.20 1.34
CA ALA A 637 14.65 10.13 0.56
C ALA A 637 14.83 10.56 -0.90
N ILE A 638 13.79 11.15 -1.51
CA ILE A 638 13.85 11.58 -2.87
C ILE A 638 15.03 12.55 -3.05
N LEU A 639 14.98 13.60 -2.26
CA LEU A 639 15.99 14.63 -2.34
C LEU A 639 17.41 14.11 -2.20
N GLU A 640 17.64 13.31 -1.13
CA GLU A 640 18.97 12.79 -0.90
C GLU A 640 19.39 11.85 -2.01
N ALA A 641 18.53 10.95 -2.43
CA ALA A 641 18.76 9.98 -3.48
C ALA A 641 19.09 10.66 -4.80
N ASN A 642 18.46 11.78 -5.10
CA ASN A 642 18.74 12.51 -6.31
C ASN A 642 19.99 13.36 -6.19
N LEU A 643 20.36 13.91 -5.03
CA LEU A 643 21.58 14.71 -5.04
C LEU A 643 22.77 13.86 -4.63
N LEU A 644 22.55 12.85 -3.80
CA LEU A 644 23.58 11.94 -3.36
C LEU A 644 23.29 10.46 -3.63
N PRO A 645 23.49 10.00 -4.88
CA PRO A 645 23.25 8.63 -5.25
C PRO A 645 24.27 7.70 -4.62
N PRO A 646 23.90 6.46 -4.48
CA PRO A 646 24.78 5.43 -3.93
C PRO A 646 25.87 5.13 -4.91
N PRO A 647 26.92 4.48 -4.50
CA PRO A 647 28.06 4.15 -5.34
C PRO A 647 27.66 2.99 -6.23
N GLU A 648 28.41 2.83 -7.30
CA GLU A 648 28.16 1.72 -8.21
C GLU A 648 28.88 0.54 -7.59
N PRO A 649 28.31 -0.62 -7.70
CA PRO A 649 28.94 -1.81 -7.13
C PRO A 649 30.33 -2.15 -7.68
N LYS A 650 31.18 -2.66 -6.82
CA LYS A 650 32.55 -3.12 -7.16
C LYS A 650 32.26 -4.38 -8.01
N GLU A 651 32.92 -4.53 -9.14
CA GLU A 651 32.65 -5.69 -9.98
C GLU A 651 32.61 -6.99 -9.26
N SER A 652 33.50 -7.24 -8.28
CA SER A 652 33.45 -8.50 -7.59
C SER A 652 32.11 -8.71 -6.91
N TRP A 653 31.50 -7.63 -6.43
CA TRP A 653 30.20 -7.72 -5.76
C TRP A 653 29.15 -8.30 -6.69
N ARG A 654 29.14 -7.76 -7.90
CA ARG A 654 28.24 -8.22 -8.94
C ARG A 654 28.34 -9.71 -9.14
N ARG A 655 29.58 -10.19 -9.10
CA ARG A 655 29.74 -11.66 -9.27
C ARG A 655 29.32 -12.38 -8.03
N ILE A 656 29.41 -11.72 -6.86
CA ILE A 656 28.93 -12.42 -5.64
C ILE A 656 27.41 -12.51 -5.71
N MET A 657 26.77 -11.46 -6.21
CA MET A 657 25.32 -11.39 -6.34
C MET A 657 24.81 -12.34 -7.42
N ASP A 658 25.48 -12.47 -8.57
CA ASP A 658 25.06 -13.41 -9.60
C ASP A 658 24.91 -14.80 -8.98
N GLU A 659 26.02 -15.19 -8.33
CA GLU A 659 26.11 -16.48 -7.70
C GLU A 659 25.07 -16.73 -6.62
N LEU A 660 24.89 -15.72 -5.77
CA LEU A 660 23.94 -15.77 -4.67
C LEU A 660 22.57 -15.97 -5.29
N SER A 661 22.32 -15.14 -6.28
CA SER A 661 21.06 -15.24 -6.99
C SER A 661 20.84 -16.63 -7.56
N VAL A 662 21.89 -17.29 -8.14
CA VAL A 662 21.66 -18.63 -8.67
C VAL A 662 21.50 -19.60 -7.53
N ILE A 663 22.39 -19.64 -6.59
CA ILE A 663 22.18 -20.61 -5.48
C ILE A 663 20.84 -20.48 -4.83
N SER A 664 20.46 -19.26 -4.45
CA SER A 664 19.18 -18.99 -3.80
C SER A 664 17.98 -19.38 -4.64
N CYS A 665 17.98 -19.01 -5.92
CA CYS A 665 16.79 -19.40 -6.74
C CYS A 665 16.72 -20.90 -6.84
N ASP A 666 17.90 -21.49 -6.98
CA ASP A 666 18.02 -22.94 -7.09
C ASP A 666 17.43 -23.59 -5.88
N VAL A 667 17.83 -23.19 -4.66
CA VAL A 667 17.24 -23.78 -3.44
C VAL A 667 15.75 -23.50 -3.31
N TYR A 668 15.32 -22.28 -3.63
CA TYR A 668 13.93 -21.94 -3.48
C TYR A 668 12.99 -22.77 -4.34
N ARG A 669 13.38 -22.96 -5.63
CA ARG A 669 12.58 -23.75 -6.56
C ARG A 669 12.72 -25.20 -6.19
N GLY A 670 13.87 -25.49 -5.55
CA GLY A 670 14.05 -26.88 -5.16
C GLY A 670 12.81 -27.36 -4.40
N TYR A 671 12.50 -26.65 -3.31
CA TYR A 671 11.38 -26.89 -2.43
C TYR A 671 10.02 -26.57 -3.02
N VAL A 672 9.78 -25.33 -3.38
CA VAL A 672 8.47 -24.91 -3.91
C VAL A 672 8.05 -25.61 -5.17
N ARG A 673 8.88 -25.77 -6.20
CA ARG A 673 8.43 -26.45 -7.40
C ARG A 673 8.79 -27.91 -7.44
N GLU A 674 10.04 -28.24 -7.29
CA GLU A 674 10.45 -29.62 -7.38
C GLU A 674 10.04 -30.55 -6.28
N ASN A 675 10.08 -30.20 -5.01
CA ASN A 675 9.72 -31.12 -3.94
C ASN A 675 8.29 -31.60 -4.02
N LYS A 676 8.14 -32.91 -4.02
CA LYS A 676 6.86 -33.60 -4.13
C LYS A 676 5.94 -33.45 -2.94
N ASP A 677 6.50 -33.25 -1.74
CA ASP A 677 5.67 -33.08 -0.56
C ASP A 677 5.24 -31.65 -0.29
N PHE A 678 5.90 -30.67 -0.88
CA PHE A 678 5.60 -29.29 -0.65
C PHE A 678 4.16 -28.90 -0.80
N VAL A 679 3.51 -28.99 -1.95
CA VAL A 679 2.09 -28.57 -2.03
C VAL A 679 1.22 -29.18 -0.96
N PRO A 680 1.18 -30.48 -0.74
CA PRO A 680 0.40 -31.10 0.30
C PRO A 680 0.76 -30.53 1.68
N TYR A 681 2.06 -30.24 1.89
CA TYR A 681 2.50 -29.69 3.15
C TYR A 681 1.86 -28.30 3.33
N PHE A 682 2.16 -27.46 2.34
CA PHE A 682 1.65 -26.10 2.28
C PHE A 682 0.18 -25.96 2.62
N ARG A 683 -0.62 -26.78 1.94
CA ARG A 683 -2.07 -26.74 2.14
C ARG A 683 -2.52 -27.15 3.52
N SER A 684 -1.80 -27.95 4.24
CA SER A 684 -2.07 -28.41 5.57
C SER A 684 -1.60 -27.45 6.67
N ALA A 685 -0.37 -26.99 6.65
CA ALA A 685 0.33 -26.14 7.54
C ALA A 685 -0.09 -24.68 7.62
N THR A 686 -0.60 -24.13 6.54
CA THR A 686 -1.04 -22.77 6.44
C THR A 686 -2.55 -22.74 6.17
N PRO A 687 -3.22 -21.64 6.47
CA PRO A 687 -4.64 -21.48 6.24
C PRO A 687 -4.92 -21.00 4.81
N GLU A 688 -4.13 -21.37 3.85
CA GLU A 688 -4.25 -20.95 2.47
C GLU A 688 -5.58 -21.22 1.82
N GLN A 689 -6.08 -22.44 1.94
CA GLN A 689 -7.37 -22.81 1.34
C GLN A 689 -8.52 -21.98 1.90
N GLU A 690 -8.55 -21.79 3.20
CA GLU A 690 -9.54 -21.06 3.97
C GLU A 690 -9.45 -19.61 3.63
N LEU A 691 -8.27 -19.05 3.43
CA LEU A 691 -8.16 -17.64 3.03
C LEU A 691 -8.89 -17.39 1.69
N GLY A 692 -9.01 -18.41 0.87
CA GLY A 692 -9.65 -18.46 -0.41
C GLY A 692 -11.16 -18.62 -0.21
N LYS A 693 -11.59 -19.53 0.65
CA LYS A 693 -13.02 -19.67 0.84
C LYS A 693 -13.69 -18.50 1.55
N LEU A 694 -13.25 -18.12 2.74
CA LEU A 694 -13.78 -17.04 3.54
C LEU A 694 -13.97 -15.75 2.76
N PRO A 695 -14.86 -14.89 3.24
CA PRO A 695 -15.16 -13.63 2.59
C PRO A 695 -14.15 -12.57 2.88
N LEU A 696 -12.86 -12.83 2.53
CA LEU A 696 -11.84 -11.83 2.82
C LEU A 696 -11.65 -10.74 1.82
N GLY A 697 -11.26 -11.05 0.60
CA GLY A 697 -11.07 -9.82 -0.28
C GLY A 697 -12.23 -9.76 -1.26
N SER A 698 -12.21 -8.81 -2.17
CA SER A 698 -13.29 -8.72 -3.15
C SER A 698 -13.09 -9.75 -4.26
N ARG A 699 -11.91 -10.33 -4.48
CA ARG A 699 -11.78 -11.34 -5.53
C ARG A 699 -12.68 -12.52 -5.14
N PRO A 700 -13.28 -13.19 -6.10
CA PRO A 700 -14.14 -14.31 -5.86
C PRO A 700 -13.53 -15.47 -5.11
N ALA A 701 -14.32 -16.24 -4.37
CA ALA A 701 -13.86 -17.40 -3.63
C ALA A 701 -13.09 -18.40 -4.48
N LYS A 702 -11.92 -18.69 -4.12
N VAL A 709 1.36 -23.60 -7.00
CA VAL A 709 2.17 -22.44 -6.48
C VAL A 709 2.20 -21.40 -7.59
N GLU A 710 2.13 -21.95 -8.83
CA GLU A 710 2.15 -20.97 -9.96
C GLU A 710 0.72 -20.42 -10.03
N SER A 711 -0.24 -21.23 -9.64
CA SER A 711 -1.63 -20.77 -9.64
C SER A 711 -1.86 -19.52 -8.78
N LEU A 712 -1.44 -19.58 -7.54
CA LEU A 712 -1.50 -18.61 -6.50
C LEU A 712 -0.99 -17.21 -6.85
N ARG A 713 -1.34 -16.25 -5.99
CA ARG A 713 -0.88 -14.88 -6.25
C ARG A 713 0.04 -14.46 -5.14
N ALA A 714 0.84 -13.43 -5.33
CA ALA A 714 1.75 -13.04 -4.24
C ALA A 714 1.02 -12.97 -2.90
N ILE A 715 -0.01 -12.16 -2.79
CA ILE A 715 -0.78 -11.92 -1.56
C ILE A 715 -1.07 -13.18 -0.78
N PRO A 716 -1.89 -14.06 -1.36
CA PRO A 716 -2.21 -15.34 -0.73
C PRO A 716 -0.97 -16.19 -0.45
N TRP A 717 0.10 -16.07 -1.21
CA TRP A 717 1.33 -16.88 -0.93
C TRP A 717 1.88 -16.30 0.37
N ILE A 718 2.13 -14.99 0.37
CA ILE A 718 2.65 -14.34 1.55
C ILE A 718 1.79 -14.43 2.80
N PHE A 719 0.52 -14.10 2.69
CA PHE A 719 -0.39 -14.12 3.79
C PHE A 719 -0.50 -15.45 4.46
N ALA A 720 -0.59 -16.52 3.70
CA ALA A 720 -0.72 -17.86 4.22
C ALA A 720 0.49 -18.24 5.05
N TRP A 721 1.65 -17.88 4.55
CA TRP A 721 2.84 -18.27 5.33
C TRP A 721 2.99 -17.37 6.55
N THR A 722 2.49 -16.13 6.51
CA THR A 722 2.53 -15.24 7.63
C THR A 722 1.65 -15.75 8.79
N GLN A 723 0.48 -16.31 8.49
CA GLN A 723 -0.39 -16.82 9.49
C GLN A 723 0.16 -18.01 10.23
N ASN A 724 0.94 -18.82 9.55
CA ASN A 724 1.60 -20.05 10.05
C ASN A 724 2.83 -19.68 10.91
N ARG A 725 3.36 -18.47 10.65
CA ARG A 725 4.50 -17.94 11.34
C ARG A 725 5.84 -18.32 10.81
N LEU A 726 5.97 -19.20 9.81
CA LEU A 726 7.25 -19.57 9.25
C LEU A 726 7.83 -18.49 8.36
N MET A 727 6.97 -17.71 7.68
CA MET A 727 7.34 -16.65 6.78
C MET A 727 8.15 -17.14 5.58
N LEU A 728 8.03 -18.39 5.17
CA LEU A 728 8.76 -18.99 4.06
C LEU A 728 9.03 -18.10 2.87
N PRO A 729 8.06 -17.49 2.19
CA PRO A 729 8.30 -16.67 1.06
C PRO A 729 9.37 -15.63 1.18
N ALA A 730 9.48 -14.94 2.33
CA ALA A 730 10.43 -13.86 2.48
C ALA A 730 11.88 -14.19 2.82
N TRP A 731 12.28 -15.44 3.06
CA TRP A 731 13.64 -15.78 3.37
C TRP A 731 14.19 -17.02 2.64
N LEU A 732 13.50 -18.09 2.40
CA LEU A 732 13.84 -19.32 1.79
C LEU A 732 15.21 -19.53 1.21
N GLY A 733 15.58 -19.05 0.03
CA GLY A 733 16.98 -19.51 -0.33
C GLY A 733 18.05 -18.54 0.08
N ALA A 734 17.73 -17.31 0.44
CA ALA A 734 18.72 -16.32 0.77
C ALA A 734 19.86 -16.79 1.63
N GLY A 735 19.64 -17.16 2.89
CA GLY A 735 20.65 -17.62 3.79
C GLY A 735 21.43 -18.82 3.30
N THR A 736 20.75 -19.76 2.65
CA THR A 736 21.41 -20.96 2.18
C THR A 736 22.54 -20.60 1.25
N ALA A 737 22.22 -19.69 0.33
CA ALA A 737 23.19 -19.20 -0.63
C ALA A 737 24.30 -18.44 0.08
N LEU A 738 23.96 -17.68 1.08
CA LEU A 738 24.95 -16.89 1.81
C LEU A 738 25.97 -17.68 2.62
N GLN A 739 25.57 -18.80 3.19
CA GLN A 739 26.39 -19.69 4.01
C GLN A 739 27.43 -20.38 3.12
N LYS A 740 26.96 -20.74 1.92
CA LYS A 740 27.79 -21.39 0.92
C LYS A 740 28.94 -20.49 0.48
N VAL A 741 28.65 -19.23 0.23
CA VAL A 741 29.66 -18.28 -0.20
C VAL A 741 30.65 -18.00 0.92
N VAL A 742 30.21 -18.09 2.18
CA VAL A 742 31.08 -17.87 3.34
C VAL A 742 32.02 -19.06 3.34
N GLU A 743 31.48 -20.27 3.04
CA GLU A 743 32.22 -21.50 2.98
C GLU A 743 33.29 -21.53 1.89
N ASP A 744 33.55 -20.47 1.20
CA ASP A 744 34.53 -20.31 0.17
C ASP A 744 35.51 -19.24 0.69
N GLY A 745 35.33 -18.84 1.92
CA GLY A 745 36.15 -17.80 2.52
C GLY A 745 35.81 -16.40 2.00
N LYS A 746 34.68 -16.18 1.32
CA LYS A 746 34.36 -14.85 0.85
C LYS A 746 33.56 -14.05 1.89
N GLN A 747 33.45 -14.52 3.14
CA GLN A 747 32.75 -13.80 4.14
C GLN A 747 33.18 -12.34 4.31
N SER A 748 34.44 -12.05 4.13
CA SER A 748 35.05 -10.74 4.23
C SER A 748 34.56 -9.79 3.16
N GLU A 749 34.15 -10.32 2.01
CA GLU A 749 33.64 -9.52 0.90
C GLU A 749 32.16 -9.25 1.15
N LEU A 750 31.49 -10.27 1.72
CA LEU A 750 30.08 -10.13 2.08
C LEU A 750 30.01 -9.02 3.15
N GLU A 751 30.95 -9.01 4.09
CA GLU A 751 30.95 -7.95 5.10
C GLU A 751 31.26 -6.59 4.52
N ALA A 752 32.06 -6.52 3.47
CA ALA A 752 32.39 -5.21 2.85
C ALA A 752 31.18 -4.69 2.07
N MET A 753 30.50 -5.62 1.40
CA MET A 753 29.32 -5.32 0.60
C MET A 753 28.22 -4.74 1.55
N CYS A 754 28.10 -5.35 2.72
CA CYS A 754 27.16 -4.88 3.73
C CYS A 754 27.57 -3.48 4.24
N ARG A 755 28.83 -3.25 4.62
CA ARG A 755 29.18 -1.93 5.08
C ARG A 755 29.12 -0.94 3.93
N ASP A 756 29.73 -1.18 2.77
CA ASP A 756 29.72 -0.19 1.70
C ASP A 756 28.72 -0.28 0.59
N TRP A 757 27.85 -1.27 0.51
CA TRP A 757 26.90 -1.26 -0.61
C TRP A 757 25.50 -1.19 -0.07
N PRO A 758 24.86 -0.04 -0.14
CA PRO A 758 23.47 0.13 0.37
C PRO A 758 22.51 -0.90 -0.10
N PHE A 759 22.40 -1.30 -1.35
CA PHE A 759 21.56 -2.35 -1.88
C PHE A 759 21.73 -3.59 -1.04
N PHE A 760 22.96 -3.93 -0.71
CA PHE A 760 23.18 -5.17 0.02
C PHE A 760 22.81 -5.13 1.47
N SER A 761 23.17 -4.04 2.20
CA SER A 761 22.81 -4.05 3.61
C SER A 761 21.27 -3.99 3.78
N THR A 762 20.70 -3.19 2.96
CA THR A 762 19.23 -3.09 2.91
C THR A 762 18.66 -4.44 2.62
N ARG A 763 19.22 -5.27 1.70
CA ARG A 763 18.65 -6.60 1.47
C ARG A 763 18.79 -7.47 2.70
N LEU A 764 19.93 -7.35 3.41
CA LEU A 764 20.12 -8.21 4.60
C LEU A 764 19.28 -7.68 5.76
N GLY A 765 19.10 -6.36 5.78
CA GLY A 765 18.31 -5.73 6.82
C GLY A 765 16.96 -6.39 6.85
N MET A 766 16.26 -6.36 5.77
CA MET A 766 14.97 -6.96 5.52
C MET A 766 14.89 -8.39 5.93
N LEU A 767 15.90 -9.24 5.89
CA LEU A 767 15.71 -10.63 6.32
C LEU A 767 15.55 -10.64 7.87
N GLU A 768 16.34 -9.70 8.46
CA GLU A 768 16.36 -9.58 9.91
C GLU A 768 14.98 -9.40 10.54
N MET A 769 14.22 -8.48 9.98
CA MET A 769 12.86 -8.18 10.37
C MET A 769 11.97 -9.36 10.11
N VAL A 770 12.12 -10.06 8.98
CA VAL A 770 11.25 -11.25 8.74
C VAL A 770 11.59 -12.31 9.77
N PHE A 771 12.90 -12.49 9.99
CA PHE A 771 13.37 -13.50 10.97
C PHE A 771 12.89 -12.99 12.33
N ALA A 772 12.81 -11.69 12.59
CA ALA A 772 12.32 -11.16 13.85
C ALA A 772 10.84 -11.44 14.16
N LYS A 773 9.97 -11.56 13.15
CA LYS A 773 8.56 -11.83 13.36
C LYS A 773 8.22 -13.31 13.16
N ALA A 774 9.06 -14.07 12.46
CA ALA A 774 8.78 -15.49 12.32
C ALA A 774 8.77 -16.14 13.70
N ASP A 775 8.19 -17.33 13.82
CA ASP A 775 8.11 -18.02 15.10
C ASP A 775 7.98 -19.53 14.85
N LEU A 776 9.14 -20.15 15.08
CA LEU A 776 9.37 -21.56 14.92
C LEU A 776 8.69 -22.46 15.89
N TRP A 777 8.33 -21.87 17.04
CA TRP A 777 7.61 -22.70 18.06
C TRP A 777 6.17 -22.82 17.60
N LEU A 778 5.66 -21.68 17.10
CA LEU A 778 4.29 -21.59 16.59
C LEU A 778 4.11 -22.42 15.33
N ALA A 779 5.06 -22.24 14.39
CA ALA A 779 5.15 -22.98 13.16
C ALA A 779 5.08 -24.48 13.44
N GLU A 780 5.85 -24.95 14.39
CA GLU A 780 5.85 -26.34 14.76
C GLU A 780 4.53 -26.83 15.36
N TYR A 781 3.87 -25.85 16.03
CA TYR A 781 2.59 -26.15 16.65
C TYR A 781 1.53 -26.39 15.59
N TYR A 782 1.58 -25.67 14.48
CA TYR A 782 0.55 -25.91 13.45
C TYR A 782 0.77 -27.27 12.79
N ASP A 783 2.02 -27.69 12.70
CA ASP A 783 2.29 -28.99 12.09
C ASP A 783 1.71 -30.06 12.99
N GLN A 784 1.93 -29.95 14.27
CA GLN A 784 1.50 -30.88 15.29
C GLN A 784 0.00 -31.04 15.37
N ARG A 785 -0.74 -29.96 15.10
CA ARG A 785 -2.17 -29.96 15.13
C ARG A 785 -2.81 -30.16 13.75
N LEU A 786 -2.19 -29.60 12.70
CA LEU A 786 -2.78 -29.69 11.38
C LEU A 786 -2.09 -30.59 10.37
N VAL A 787 -0.80 -30.91 10.56
CA VAL A 787 -0.14 -31.72 9.52
C VAL A 787 0.01 -33.18 9.81
N ASP A 788 -0.21 -33.99 8.77
CA ASP A 788 -0.09 -35.44 8.89
C ASP A 788 1.36 -35.81 9.21
N LYS A 789 1.56 -36.74 10.12
CA LYS A 789 2.83 -37.22 10.61
C LYS A 789 3.90 -37.44 9.56
N ALA A 790 3.51 -37.94 8.40
CA ALA A 790 4.54 -38.16 7.34
C ALA A 790 5.11 -36.87 6.78
N LEU A 791 4.42 -35.72 6.97
CA LEU A 791 4.93 -34.46 6.45
C LEU A 791 5.72 -33.71 7.49
N TRP A 792 5.76 -34.18 8.74
CA TRP A 792 6.52 -33.54 9.78
C TRP A 792 7.99 -33.35 9.42
N PRO A 793 8.65 -34.33 8.86
CA PRO A 793 10.05 -34.17 8.51
C PRO A 793 10.29 -32.95 7.64
N LEU A 794 9.50 -32.64 6.64
CA LEU A 794 9.67 -31.48 5.79
C LEU A 794 9.59 -30.17 6.60
N GLY A 795 8.62 -30.17 7.55
CA GLY A 795 8.45 -29.01 8.40
C GLY A 795 9.75 -28.77 9.20
N LYS A 796 10.21 -29.80 9.91
CA LYS A 796 11.43 -29.75 10.68
C LYS A 796 12.59 -29.27 9.79
N GLU A 797 12.70 -29.78 8.57
CA GLU A 797 13.74 -29.34 7.66
C GLU A 797 13.66 -27.87 7.37
N LEU A 798 12.48 -27.39 6.97
CA LEU A 798 12.36 -25.94 6.69
C LEU A 798 12.59 -25.08 7.90
N ARG A 799 12.22 -25.56 9.09
CA ARG A 799 12.43 -24.77 10.31
C ARG A 799 13.91 -24.67 10.65
N ASN A 800 14.64 -25.77 10.43
CA ASN A 800 16.09 -25.87 10.66
C ASN A 800 16.84 -25.02 9.63
N LEU A 801 16.26 -24.89 8.43
CA LEU A 801 16.92 -24.05 7.42
C LEU A 801 17.01 -22.63 8.00
N GLN A 802 15.91 -22.15 8.59
CA GLN A 802 15.81 -20.84 9.14
C GLN A 802 16.75 -20.64 10.31
N GLU A 803 16.77 -21.56 11.27
CA GLU A 803 17.68 -21.43 12.41
C GLU A 803 19.09 -21.18 11.85
N GLU A 804 19.51 -22.00 10.86
CA GLU A 804 20.84 -21.80 10.30
C GLU A 804 20.98 -20.49 9.54
N ASP A 805 19.90 -20.04 8.89
CA ASP A 805 20.00 -18.77 8.13
C ASP A 805 20.13 -17.53 8.99
N ILE A 806 19.60 -17.60 10.24
CA ILE A 806 19.70 -16.46 11.16
C ILE A 806 21.14 -16.32 11.61
N LYS A 807 21.85 -17.43 11.83
CA LYS A 807 23.24 -17.35 12.25
C LYS A 807 24.09 -16.72 11.16
N VAL A 808 24.07 -17.23 9.93
CA VAL A 808 24.85 -16.63 8.86
C VAL A 808 24.59 -15.12 8.69
N VAL A 809 23.29 -14.80 8.79
CA VAL A 809 22.91 -13.39 8.67
C VAL A 809 23.50 -12.63 9.85
N LEU A 810 23.33 -13.14 11.07
CA LEU A 810 23.87 -12.45 12.28
C LEU A 810 25.39 -12.34 12.19
N ALA A 811 26.06 -13.44 11.72
CA ALA A 811 27.49 -13.47 11.50
C ALA A 811 27.88 -12.39 10.47
N ILE A 812 27.22 -12.38 9.31
CA ILE A 812 27.59 -11.31 8.37
C ILE A 812 27.36 -9.95 9.00
N ALA A 813 26.31 -9.75 9.78
CA ALA A 813 25.99 -8.44 10.38
C ALA A 813 26.78 -8.08 11.63
N ASN A 814 27.53 -9.05 12.15
CA ASN A 814 28.37 -8.80 13.30
C ASN A 814 27.55 -8.32 14.47
N ASP A 815 26.51 -9.09 14.77
CA ASP A 815 25.67 -8.78 15.90
C ASP A 815 25.10 -10.06 16.49
N SER A 816 24.53 -9.96 17.69
CA SER A 816 24.01 -11.21 18.28
C SER A 816 22.51 -11.11 18.51
N HIS A 817 22.01 -9.93 18.24
CA HIS A 817 20.57 -9.74 18.42
C HIS A 817 20.12 -9.25 17.06
N LEU A 818 19.07 -9.77 16.53
CA LEU A 818 18.48 -9.44 15.24
C LEU A 818 18.00 -8.00 15.15
N MET A 819 18.25 -7.31 14.04
CA MET A 819 17.84 -5.93 13.90
C MET A 819 18.12 -5.05 15.10
N ALA A 820 19.36 -4.97 15.53
CA ALA A 820 19.95 -4.22 16.60
C ALA A 820 20.18 -2.76 16.24
N ASP A 821 20.11 -2.43 14.93
CA ASP A 821 20.25 -1.01 14.55
C ASP A 821 18.87 -0.32 14.69
N LEU A 822 17.77 -1.05 14.89
CA LEU A 822 16.46 -0.40 15.01
C LEU A 822 15.77 -0.81 16.27
N PRO A 823 16.25 -0.32 17.40
CA PRO A 823 15.65 -0.69 18.68
C PRO A 823 14.17 -0.36 18.83
N TRP A 824 13.63 0.75 18.39
CA TRP A 824 12.21 1.02 18.54
C TRP A 824 11.43 0.03 17.66
N ILE A 825 11.83 -0.25 16.42
CA ILE A 825 11.12 -1.24 15.61
C ILE A 825 11.26 -2.60 16.24
N ALA A 826 12.46 -2.85 16.80
CA ALA A 826 12.69 -4.15 17.44
C ALA A 826 11.70 -4.33 18.59
N GLU A 827 11.66 -3.35 19.46
CA GLU A 827 10.80 -3.35 20.64
C GLU A 827 9.34 -3.51 20.31
N SER A 828 8.84 -2.64 19.44
CA SER A 828 7.45 -2.72 18.96
C SER A 828 7.17 -4.07 18.35
N ILE A 829 8.14 -4.74 17.66
CA ILE A 829 7.87 -6.09 17.11
C ILE A 829 7.77 -7.04 18.31
N GLN A 830 8.57 -6.85 19.34
CA GLN A 830 8.50 -7.70 20.55
C GLN A 830 7.12 -7.69 21.23
N LEU A 831 6.48 -6.52 21.41
CA LEU A 831 5.21 -6.29 21.98
C LEU A 831 4.09 -7.05 21.23
N ARG A 832 4.02 -6.78 19.92
CA ARG A 832 2.98 -7.38 19.07
C ARG A 832 3.10 -8.88 18.97
N ASN A 833 4.35 -9.34 18.97
CA ASN A 833 4.60 -10.81 18.96
C ASN A 833 3.95 -11.45 20.19
N ILE A 834 4.07 -10.82 21.36
CA ILE A 834 3.45 -11.42 22.53
C ILE A 834 1.93 -11.25 22.44
N TYR A 835 1.43 -10.16 21.85
CA TYR A 835 -0.01 -10.06 21.79
C TYR A 835 -0.68 -10.93 20.76
N THR A 836 -0.02 -11.26 19.69
CA THR A 836 -0.42 -12.05 18.58
C THR A 836 -0.39 -13.53 18.90
N ASP A 837 0.52 -13.91 19.76
CA ASP A 837 0.74 -15.27 20.26
C ASP A 837 -0.51 -16.09 20.40
N PRO A 838 -1.44 -15.67 21.26
CA PRO A 838 -2.67 -16.41 21.52
C PRO A 838 -3.65 -16.53 20.36
N LEU A 839 -3.59 -15.57 19.41
CA LEU A 839 -4.44 -15.71 18.23
C LEU A 839 -3.87 -16.87 17.42
N ASN A 840 -2.55 -17.01 17.24
CA ASN A 840 -2.06 -18.17 16.50
C ASN A 840 -2.43 -19.44 17.27
N VAL A 841 -2.35 -19.46 18.61
CA VAL A 841 -2.68 -20.67 19.34
C VAL A 841 -4.12 -21.06 19.12
N LEU A 842 -4.97 -20.07 19.08
CA LEU A 842 -6.39 -20.32 18.89
C LEU A 842 -6.73 -20.68 17.47
N GLN A 843 -6.14 -19.95 16.50
CA GLN A 843 -6.36 -20.19 15.09
C GLN A 843 -6.12 -21.63 14.68
N ALA A 844 -5.14 -22.33 15.25
CA ALA A 844 -4.86 -23.73 14.94
C ALA A 844 -6.04 -24.63 15.28
N GLU A 845 -6.73 -24.34 16.42
CA GLU A 845 -7.90 -25.10 16.85
C GLU A 845 -9.10 -24.85 15.92
N LEU A 846 -9.18 -23.58 15.48
CA LEU A 846 -10.31 -23.27 14.61
C LEU A 846 -10.13 -24.03 13.32
N LEU A 847 -8.95 -23.94 12.69
CA LEU A 847 -8.69 -24.65 11.45
C LEU A 847 -8.95 -26.14 11.62
N HIS A 848 -8.64 -26.66 12.78
CA HIS A 848 -8.87 -28.08 13.00
C HIS A 848 -10.37 -28.38 13.01
N ARG A 849 -11.15 -27.61 13.76
CA ARG A 849 -12.57 -27.82 13.86
C ARG A 849 -13.24 -27.61 12.51
N SER A 850 -12.81 -26.54 11.85
CA SER A 850 -13.33 -26.20 10.54
C SER A 850 -13.04 -27.31 9.53
N ARG A 851 -11.75 -27.69 9.39
CA ARG A 851 -11.31 -28.71 8.47
C ARG A 851 -11.91 -30.07 8.77
N GLN A 852 -12.36 -30.33 10.00
CA GLN A 852 -12.91 -31.70 10.20
C GLN A 852 -14.40 -31.72 9.90
N ALA A 853 -15.06 -30.58 10.01
CA ALA A 853 -16.48 -30.49 9.71
C ALA A 853 -16.61 -30.83 8.22
N GLU A 854 -15.72 -30.18 7.46
CA GLU A 854 -15.79 -30.43 6.02
C GLU A 854 -15.58 -31.88 5.72
N LYS A 855 -14.47 -32.50 6.08
CA LYS A 855 -14.18 -33.90 5.84
C LYS A 855 -15.29 -34.88 6.09
N GLU A 856 -16.35 -34.42 6.68
CA GLU A 856 -17.39 -35.27 7.17
C GLU A 856 -18.71 -34.56 7.02
N GLY A 857 -18.69 -34.06 5.80
CA GLY A 857 -19.66 -33.34 5.08
C GLY A 857 -20.66 -32.63 5.95
N GLN A 858 -20.05 -31.75 6.73
CA GLN A 858 -20.83 -30.94 7.61
C GLN A 858 -20.74 -29.52 7.02
N GLU A 859 -21.64 -28.80 7.54
CA GLU A 859 -22.20 -27.49 7.52
C GLU A 859 -21.20 -26.56 8.16
N PRO A 860 -20.77 -25.62 7.34
CA PRO A 860 -19.78 -24.64 7.79
C PRO A 860 -20.39 -23.91 8.98
N ASP A 861 -20.01 -24.29 10.20
CA ASP A 861 -20.61 -23.60 11.35
C ASP A 861 -20.22 -22.14 11.30
N PRO A 862 -21.17 -21.24 11.38
CA PRO A 862 -20.85 -19.81 11.35
C PRO A 862 -20.02 -19.36 12.53
N ARG A 863 -20.17 -19.97 13.71
CA ARG A 863 -19.35 -19.47 14.83
C ARG A 863 -17.88 -19.75 14.56
N VAL A 864 -17.57 -21.00 14.25
CA VAL A 864 -16.22 -21.38 13.91
C VAL A 864 -15.61 -20.51 12.80
N GLU A 865 -16.32 -20.22 11.73
CA GLU A 865 -15.81 -19.40 10.65
C GLU A 865 -15.54 -17.96 11.06
N GLN A 866 -16.44 -17.36 11.82
CA GLN A 866 -16.24 -15.97 12.25
C GLN A 866 -15.07 -15.87 13.22
N ALA A 867 -14.86 -16.85 14.10
CA ALA A 867 -13.73 -16.75 15.00
C ALA A 867 -12.46 -16.81 14.15
N LEU A 868 -12.38 -17.59 13.14
CA LEU A 868 -11.29 -17.79 12.22
C LEU A 868 -11.04 -16.47 11.51
N MET A 869 -12.11 -15.80 11.04
CA MET A 869 -11.86 -14.52 10.38
C MET A 869 -11.21 -13.52 11.34
N VAL A 870 -11.59 -13.61 12.64
CA VAL A 870 -11.01 -12.71 13.62
C VAL A 870 -9.53 -13.01 13.79
N THR A 871 -9.18 -14.30 13.87
CA THR A 871 -7.73 -14.57 14.09
C THR A 871 -6.94 -14.10 12.89
N ILE A 872 -7.40 -14.48 11.71
CA ILE A 872 -6.78 -14.09 10.45
C ILE A 872 -6.48 -12.62 10.47
N ALA A 873 -7.51 -11.84 10.66
CA ALA A 873 -7.36 -10.38 10.68
C ALA A 873 -6.53 -9.89 11.84
N GLY A 874 -6.58 -10.54 13.00
CA GLY A 874 -5.77 -10.07 14.12
C GLY A 874 -4.28 -10.34 13.81
N ILE A 875 -4.00 -11.59 13.43
CA ILE A 875 -2.62 -11.98 13.12
C ILE A 875 -2.03 -11.12 12.04
N ALA A 876 -2.84 -10.83 11.01
CA ALA A 876 -2.37 -9.95 9.93
C ALA A 876 -2.08 -8.57 10.42
N ALA A 877 -2.81 -8.09 11.43
CA ALA A 877 -2.60 -6.75 11.99
C ALA A 877 -1.39 -6.68 12.90
N GLY A 878 -1.13 -7.72 13.65
CA GLY A 878 0.00 -7.80 14.57
C GLY A 878 1.27 -7.95 13.74
N MET A 879 1.20 -8.74 12.66
CA MET A 879 2.36 -8.91 11.81
C MET A 879 2.65 -7.83 10.82
N ARG A 880 1.71 -6.94 10.46
CA ARG A 880 2.05 -5.92 9.48
C ARG A 880 2.83 -6.50 8.30
N ASN A 881 3.81 -5.80 7.78
CA ASN A 881 4.60 -6.20 6.64
C ASN A 881 5.56 -7.36 6.87
N THR A 882 5.30 -8.38 6.01
CA THR A 882 6.12 -9.59 6.11
C THR A 882 6.64 -10.06 4.75
N GLY A 883 6.54 -9.19 3.74
CA GLY A 883 6.95 -9.58 2.38
C GLY A 883 7.83 -8.54 1.73
#